data_1RH0
#
_entry.id   1RH0
#
_cell.length_a   49.692
_cell.length_b   104.750
_cell.length_c   194.033
_cell.angle_alpha   90.00
_cell.angle_beta   90.00
_cell.angle_gamma   90.00
#
_symmetry.space_group_name_H-M   'P 21 21 21'
#
loop_
_entity.id
_entity.type
_entity.pdbx_description
1 polymer "5'-D(*GP*TP*T)-3'"
2 polymer 'Tyrosyl-DNA phosphodiesterase 1'
3 non-polymer 'VANADATE ION'
4 non-polymer SPERMINE
5 non-polymer 4-(2S-AMINO-1-HYDROXYETHYL)PHENOL
6 water water
#
loop_
_entity_poly.entity_id
_entity_poly.type
_entity_poly.pdbx_seq_one_letter_code
_entity_poly.pdbx_strand_id
1 'polydeoxyribonucleotide' (DG)(DT)(DT) D,F
2 'polypeptide(L)'
;MGSSHHHHHHSSGLVPRGSHMLEDPGEGQDIWDMLDKGNPFQFYLTRVSGVKPKYNSGALHIKDILSPLFGTLVSSAQFN
YCFDVDWLVKQYPPEFRKKPILLVHGDKREAKAHLHAQAKPYENISLCQAKLDIAFGTHHTKMMLLLYEEGLRVVIHTSN
LIHADWHQKTQGIWLSPLYPRIADGTHKSGESPTHFKANLISYLTAYNAPSLKEWIDVIHKHDLSETNVYLIGSTPGRFQ
GSQKDNWGHFRLKKLLKDHASSMPNAESWPVVGQFSSVGSLGADESKWLCSEFKESMLTLGKESKTPGKSSVPLYLIYPS
VENVRTSLEGYPAGGSLPYSIQTAEKQNWLHSYFHKWSAETSGRSNAMPHIKTYMRPSPDFSKIAWFLVTSANLSKAAWG
ALEKNGTQLMIRSYELGVLFLPSALGLDSFKVKQKFFAGSQEPMATFPVPYDLPPELYGSKDRPWIWNIPYVKAPDTHGN
MWVPS
;
A,B
#
# COMPACT_ATOMS: atom_id res chain seq x y z
N ASN C 39 -0.86 -23.04 -1.70
CA ASN C 39 -1.31 -22.42 -2.97
C ASN C 39 -1.63 -20.93 -2.79
N PRO C 40 -0.65 -20.07 -3.06
CA PRO C 40 -0.80 -18.64 -2.79
C PRO C 40 -1.77 -18.01 -3.79
N PHE C 41 -1.97 -18.68 -4.93
CA PHE C 41 -2.74 -18.12 -6.03
C PHE C 41 -4.26 -18.20 -5.90
N GLN C 42 -4.78 -19.34 -5.48
CA GLN C 42 -6.23 -19.54 -5.41
C GLN C 42 -6.87 -19.17 -6.76
N PHE C 43 -6.21 -19.56 -7.84
CA PHE C 43 -6.74 -19.40 -9.17
C PHE C 43 -7.27 -20.78 -9.61
N TYR C 44 -8.55 -20.83 -9.97
CA TYR C 44 -9.16 -22.10 -10.39
C TYR C 44 -9.82 -22.02 -11.76
N LEU C 45 -9.91 -23.18 -12.43
CA LEU C 45 -10.77 -23.35 -13.59
C LEU C 45 -12.12 -23.95 -13.18
N THR C 46 -13.20 -23.63 -13.92
CA THR C 46 -14.48 -24.30 -13.69
C THR C 46 -14.44 -25.75 -14.13
N ARG C 47 -15.31 -26.57 -13.55
CA ARG C 47 -15.49 -27.95 -14.00
C ARG C 47 -15.97 -28.01 -15.46
N VAL C 48 -15.45 -28.97 -16.21
CA VAL C 48 -15.93 -29.21 -17.57
C VAL C 48 -16.52 -30.61 -17.68
N SER C 49 -17.79 -30.69 -18.08
CA SER C 49 -18.46 -31.97 -18.26
C SER C 49 -17.94 -32.65 -19.51
N GLY C 50 -17.55 -33.91 -19.36
CA GLY C 50 -17.20 -34.70 -20.52
C GLY C 50 -15.71 -34.72 -20.82
N VAL C 51 -14.90 -34.23 -19.89
CA VAL C 51 -13.46 -34.52 -19.96
C VAL C 51 -13.21 -35.55 -18.86
N LYS C 52 -12.09 -36.24 -18.94
CA LYS C 52 -11.74 -37.20 -17.91
C LYS C 52 -11.62 -36.49 -16.56
N PRO C 53 -11.99 -37.19 -15.48
CA PRO C 53 -12.06 -36.58 -14.14
C PRO C 53 -10.72 -36.08 -13.60
N LYS C 54 -9.62 -36.60 -14.10
CA LYS C 54 -8.33 -36.07 -13.71
C LYS C 54 -8.24 -34.58 -14.05
N TYR C 55 -8.97 -34.16 -15.08
CA TYR C 55 -8.86 -32.79 -15.56
C TYR C 55 -9.79 -31.86 -14.79
N ASN C 56 -10.62 -32.45 -13.93
CA ASN C 56 -11.51 -31.69 -13.08
C ASN C 56 -11.06 -31.73 -11.62
N SER C 57 -9.93 -32.39 -11.35
CA SER C 57 -9.54 -32.64 -9.95
C SER C 57 -9.46 -31.34 -9.15
N GLY C 58 -8.65 -30.40 -9.62
CA GLY C 58 -8.60 -29.10 -8.96
C GLY C 58 -9.57 -28.06 -9.51
N ALA C 59 -10.69 -28.50 -10.10
CA ALA C 59 -11.59 -27.56 -10.74
C ALA C 59 -12.84 -27.34 -9.89
N LEU C 60 -13.54 -26.24 -10.10
CA LEU C 60 -14.70 -25.91 -9.28
C LEU C 60 -15.97 -25.65 -10.08
N HIS C 61 -17.07 -26.19 -9.60
CA HIS C 61 -18.36 -25.83 -10.14
C HIS C 61 -18.94 -24.80 -9.16
N ILE C 62 -19.88 -23.99 -9.63
CA ILE C 62 -20.55 -23.00 -8.78
C ILE C 62 -21.15 -23.70 -7.53
N LYS C 63 -21.73 -24.87 -7.70
CA LYS C 63 -22.16 -25.68 -6.56
C LYS C 63 -21.05 -25.87 -5.51
N ASP C 64 -19.82 -26.11 -5.94
CA ASP C 64 -18.70 -26.24 -5.01
C ASP C 64 -18.45 -24.94 -4.25
N ILE C 65 -18.44 -23.82 -4.98
CA ILE C 65 -18.18 -22.51 -4.39
C ILE C 65 -19.20 -22.14 -3.31
N LEU C 66 -20.43 -22.58 -3.51
CA LEU C 66 -21.53 -22.17 -2.66
C LEU C 66 -21.82 -23.17 -1.56
N SER C 67 -21.07 -24.27 -1.56
CA SER C 67 -21.32 -25.38 -0.64
C SER C 67 -21.04 -24.99 0.81
N PRO C 68 -21.69 -25.68 1.74
CA PRO C 68 -21.60 -25.33 3.16
C PRO C 68 -20.18 -25.47 3.68
N LEU C 69 -19.33 -26.21 2.96
CA LEU C 69 -17.94 -26.36 3.38
C LEU C 69 -17.16 -25.06 3.27
N PHE C 70 -17.59 -24.16 2.40
CA PHE C 70 -16.94 -22.86 2.24
C PHE C 70 -17.43 -21.84 3.25
N GLY C 71 -18.35 -22.25 4.14
CA GLY C 71 -18.85 -21.36 5.16
C GLY C 71 -20.35 -21.45 5.30
N THR C 72 -20.87 -20.88 6.40
CA THR C 72 -22.29 -20.87 6.69
C THR C 72 -22.97 -19.61 6.19
N LEU C 73 -23.61 -19.73 5.03
CA LEU C 73 -24.09 -18.57 4.30
C LEU C 73 -25.21 -17.81 5.01
N VAL C 74 -25.15 -16.49 4.92
CA VAL C 74 -26.10 -15.59 5.55
C VAL C 74 -26.68 -14.59 4.53
N SER C 75 -25.91 -14.27 3.52
CA SER C 75 -26.33 -13.32 2.50
C SER C 75 -25.33 -13.27 1.35
N SER C 76 -25.81 -12.97 0.16
CA SER C 76 -24.85 -12.90 -0.93
C SER C 76 -25.23 -11.88 -1.97
N ALA C 77 -24.23 -11.45 -2.74
CA ALA C 77 -24.47 -10.57 -3.86
C ALA C 77 -23.84 -11.19 -5.08
N GLN C 78 -24.60 -11.20 -6.18
CA GLN C 78 -24.14 -11.79 -7.42
C GLN C 78 -24.12 -10.75 -8.51
N PHE C 79 -22.90 -10.33 -8.87
CA PHE C 79 -22.70 -9.37 -9.96
C PHE C 79 -22.50 -10.17 -11.25
N ASN C 80 -23.20 -9.78 -12.29
CA ASN C 80 -23.01 -10.42 -13.57
C ASN C 80 -23.61 -9.67 -14.74
N TYR C 81 -23.56 -10.30 -15.90
CA TYR C 81 -24.10 -9.76 -17.13
C TYR C 81 -25.39 -10.49 -17.47
N CYS C 82 -25.32 -11.82 -17.53
CA CYS C 82 -26.50 -12.64 -17.81
C CYS C 82 -26.83 -13.54 -16.65
N PHE C 83 -28.12 -13.65 -16.37
CA PHE C 83 -28.61 -14.45 -15.27
C PHE C 83 -29.72 -15.36 -15.74
N ASP C 84 -29.69 -16.59 -15.28
CA ASP C 84 -30.85 -17.46 -15.33
C ASP C 84 -31.23 -17.74 -13.88
N VAL C 85 -32.24 -17.04 -13.37
CA VAL C 85 -32.50 -17.04 -11.93
C VAL C 85 -32.86 -18.40 -11.38
N ASP C 86 -33.68 -19.17 -12.11
CA ASP C 86 -34.11 -20.49 -11.67
C ASP C 86 -32.89 -21.37 -11.50
N TRP C 87 -32.05 -21.38 -12.54
CA TRP C 87 -30.84 -22.19 -12.51
C TRP C 87 -29.93 -21.75 -11.34
N LEU C 88 -29.80 -20.43 -11.18
CA LEU C 88 -28.94 -19.88 -10.13
C LEU C 88 -29.38 -20.28 -8.75
N VAL C 89 -30.69 -20.16 -8.48
CA VAL C 89 -31.15 -20.44 -7.14
C VAL C 89 -30.84 -21.89 -6.79
N LYS C 90 -30.88 -22.77 -7.78
CA LYS C 90 -30.64 -24.19 -7.59
C LYS C 90 -29.16 -24.52 -7.39
N GLN C 91 -28.27 -23.57 -7.68
CA GLN C 91 -26.85 -23.81 -7.46
C GLN C 91 -26.49 -23.66 -5.98
N TYR C 92 -27.29 -22.89 -5.23
CA TYR C 92 -27.12 -22.81 -3.78
C TYR C 92 -27.60 -24.11 -3.17
N PRO C 93 -26.98 -24.55 -2.09
CA PRO C 93 -27.43 -25.78 -1.40
C PRO C 93 -28.79 -25.50 -0.75
N PRO C 94 -29.66 -26.51 -0.71
CA PRO C 94 -31.01 -26.39 -0.16
C PRO C 94 -31.10 -25.52 1.10
N GLU C 95 -30.24 -25.78 2.08
CA GLU C 95 -30.29 -25.03 3.33
C GLU C 95 -30.18 -23.52 3.10
N PHE C 96 -29.44 -23.10 2.08
CA PHE C 96 -29.23 -21.66 1.84
C PHE C 96 -30.12 -21.02 0.80
N ARG C 97 -30.96 -21.80 0.11
CA ARG C 97 -31.74 -21.23 -1.00
C ARG C 97 -32.61 -20.07 -0.59
N LYS C 98 -32.89 -19.94 0.70
CA LYS C 98 -33.82 -18.91 1.14
C LYS C 98 -33.17 -17.66 1.73
N LYS C 99 -31.84 -17.68 1.84
CA LYS C 99 -31.07 -16.51 2.27
C LYS C 99 -31.12 -15.43 1.21
N PRO C 100 -30.99 -14.18 1.66
CA PRO C 100 -31.07 -13.03 0.75
C PRO C 100 -30.00 -13.12 -0.33
N ILE C 101 -30.37 -12.65 -1.52
CA ILE C 101 -29.48 -12.60 -2.65
C ILE C 101 -29.71 -11.31 -3.39
N LEU C 102 -28.65 -10.56 -3.67
CA LEU C 102 -28.76 -9.37 -4.51
C LEU C 102 -28.19 -9.66 -5.91
N LEU C 103 -28.99 -9.38 -6.95
CA LEU C 103 -28.53 -9.53 -8.31
C LEU C 103 -28.10 -8.18 -8.84
N VAL C 104 -26.84 -8.05 -9.22
CA VAL C 104 -26.34 -6.77 -9.70
C VAL C 104 -26.11 -6.88 -11.19
N HIS C 105 -26.88 -6.11 -11.94
CA HIS C 105 -26.95 -6.25 -13.39
C HIS C 105 -27.06 -4.89 -14.06
N GLY C 106 -26.99 -4.90 -15.39
CA GLY C 106 -27.03 -3.65 -16.15
C GLY C 106 -28.19 -3.57 -17.13
N ASP C 107 -29.16 -4.48 -16.98
CA ASP C 107 -30.27 -4.61 -17.93
C ASP C 107 -31.24 -3.42 -17.93
N LYS C 108 -31.68 -3.03 -19.13
CA LYS C 108 -32.63 -1.94 -19.29
C LYS C 108 -33.94 -2.33 -19.98
N ARG C 109 -34.95 -1.48 -19.87
CA ARG C 109 -36.22 -1.66 -20.59
C ARG C 109 -36.86 -3.04 -20.36
N GLU C 110 -37.14 -3.76 -21.44
CA GLU C 110 -37.83 -5.05 -21.33
C GLU C 110 -36.89 -6.16 -20.87
N ALA C 111 -35.59 -6.00 -21.14
CA ALA C 111 -34.57 -6.91 -20.60
C ALA C 111 -34.60 -6.87 -19.08
N LYS C 112 -34.71 -5.65 -18.54
CA LYS C 112 -34.90 -5.45 -17.10
C LYS C 112 -36.17 -6.13 -16.57
N ALA C 113 -37.30 -5.84 -17.21
CA ALA C 113 -38.56 -6.45 -16.79
C ALA C 113 -38.49 -7.98 -16.79
N HIS C 114 -37.83 -8.55 -17.79
CA HIS C 114 -37.70 -10.01 -17.86
C HIS C 114 -36.99 -10.57 -16.62
N LEU C 115 -35.87 -9.95 -16.26
CA LEU C 115 -35.09 -10.34 -15.09
C LEU C 115 -35.90 -10.23 -13.79
N HIS C 116 -36.63 -9.12 -13.64
CA HIS C 116 -37.48 -8.88 -12.46
C HIS C 116 -38.56 -9.95 -12.41
N ALA C 117 -39.08 -10.31 -13.58
CA ALA C 117 -40.04 -11.41 -13.68
C ALA C 117 -39.40 -12.74 -13.25
N GLN C 118 -38.24 -13.07 -13.83
CA GLN C 118 -37.50 -14.27 -13.41
C GLN C 118 -37.36 -14.33 -11.88
N ALA C 119 -37.22 -13.16 -11.26
CA ALA C 119 -36.88 -13.06 -9.83
C ALA C 119 -38.08 -13.00 -8.88
N LYS C 120 -39.18 -12.43 -9.34
CA LYS C 120 -40.39 -12.24 -8.52
C LYS C 120 -40.89 -13.45 -7.71
N PRO C 121 -40.76 -14.68 -8.23
CA PRO C 121 -41.16 -15.89 -7.47
C PRO C 121 -40.31 -16.13 -6.23
N TYR C 122 -39.10 -15.57 -6.22
CA TYR C 122 -38.17 -15.81 -5.14
C TYR C 122 -38.13 -14.56 -4.25
N GLU C 123 -38.81 -14.65 -3.10
CA GLU C 123 -38.98 -13.50 -2.21
C GLU C 123 -37.66 -12.94 -1.65
N ASN C 124 -36.65 -13.79 -1.51
CA ASN C 124 -35.36 -13.40 -0.95
C ASN C 124 -34.44 -12.65 -1.94
N ILE C 125 -34.87 -12.49 -3.18
CA ILE C 125 -33.99 -11.91 -4.20
C ILE C 125 -34.34 -10.45 -4.44
N SER C 126 -33.34 -9.59 -4.37
CA SER C 126 -33.47 -8.19 -4.78
C SER C 126 -32.54 -7.94 -5.96
N LEU C 127 -32.79 -6.87 -6.70
CA LEU C 127 -31.98 -6.52 -7.85
C LEU C 127 -31.38 -5.13 -7.68
N CYS C 128 -30.20 -4.92 -8.26
CA CYS C 128 -29.59 -3.60 -8.32
C CYS C 128 -29.18 -3.33 -9.74
N GLN C 129 -29.76 -2.30 -10.35
CA GLN C 129 -29.46 -1.92 -11.73
C GLN C 129 -28.34 -0.91 -11.80
N ALA C 130 -27.21 -1.31 -12.38
CA ALA C 130 -26.05 -0.48 -12.44
C ALA C 130 -26.28 0.58 -13.48
N LYS C 131 -26.08 1.83 -13.11
CA LYS C 131 -26.29 2.91 -14.05
C LYS C 131 -25.36 2.67 -15.22
N LEU C 132 -25.89 2.75 -16.44
CA LEU C 132 -25.06 2.68 -17.62
C LEU C 132 -25.34 3.93 -18.46
N ASP C 133 -24.69 5.03 -18.10
CA ASP C 133 -24.98 6.32 -18.73
C ASP C 133 -24.35 6.48 -20.12
N ILE C 134 -23.36 5.65 -20.44
CA ILE C 134 -22.72 5.74 -21.74
C ILE C 134 -23.22 4.62 -22.63
N ALA C 135 -23.41 4.90 -23.91
CA ALA C 135 -23.99 3.93 -24.83
C ALA C 135 -23.00 2.82 -25.14
N PHE C 136 -23.53 1.63 -25.40
CA PHE C 136 -22.71 0.45 -25.75
C PHE C 136 -21.93 -0.09 -24.54
N GLY C 137 -22.31 0.36 -23.35
CA GLY C 137 -21.73 -0.13 -22.12
C GLY C 137 -22.51 -1.31 -21.55
N THR C 138 -21.81 -2.19 -20.85
CA THR C 138 -22.47 -3.31 -20.22
C THR C 138 -22.01 -3.44 -18.78
N HIS C 139 -22.85 -4.03 -17.94
CA HIS C 139 -22.38 -4.43 -16.63
C HIS C 139 -21.80 -5.84 -16.74
N HIS C 140 -20.49 -5.93 -16.97
CA HIS C 140 -19.84 -7.16 -17.42
C HIS C 140 -19.09 -7.92 -16.32
N THR C 141 -18.76 -7.21 -15.24
CA THR C 141 -18.21 -7.78 -14.02
C THR C 141 -18.89 -9.08 -13.52
N LYS C 142 -18.08 -10.11 -13.24
CA LYS C 142 -18.57 -11.33 -12.58
C LYS C 142 -17.90 -11.44 -11.20
N MET C 143 -18.68 -11.20 -10.16
CA MET C 143 -18.14 -11.27 -8.82
C MET C 143 -19.23 -11.78 -7.88
N MET C 144 -18.82 -12.52 -6.86
CA MET C 144 -19.73 -12.92 -5.79
C MET C 144 -19.21 -12.35 -4.48
N LEU C 145 -20.11 -11.76 -3.70
CA LEU C 145 -19.81 -11.46 -2.29
C LEU C 145 -20.61 -12.43 -1.42
N LEU C 146 -19.91 -13.20 -0.60
CA LEU C 146 -20.53 -14.25 0.20
C LEU C 146 -20.31 -13.94 1.67
N LEU C 147 -21.36 -13.48 2.35
CA LEU C 147 -21.29 -13.22 3.78
C LEU C 147 -21.70 -14.47 4.58
N TYR C 148 -20.83 -14.91 5.48
CA TYR C 148 -21.07 -16.10 6.28
C TYR C 148 -21.13 -15.77 7.76
N GLU C 149 -21.48 -16.76 8.55
CA GLU C 149 -21.44 -16.61 10.00
C GLU C 149 -19.96 -16.50 10.43
N GLU C 150 -19.09 -17.08 9.61
CA GLU C 150 -17.68 -17.20 9.95
C GLU C 150 -16.84 -16.06 9.42
N GLY C 151 -17.37 -15.32 8.44
CA GLY C 151 -16.66 -14.22 7.84
C GLY C 151 -17.21 -13.88 6.46
N LEU C 152 -16.30 -13.43 5.58
CA LEU C 152 -16.66 -12.98 4.25
C LEU C 152 -15.75 -13.59 3.19
N ARG C 153 -16.33 -13.90 2.03
CA ARG C 153 -15.54 -14.35 0.90
C ARG C 153 -15.87 -13.53 -0.34
N VAL C 154 -14.84 -13.23 -1.13
CA VAL C 154 -15.00 -12.52 -2.38
C VAL C 154 -14.57 -13.45 -3.50
N VAL C 155 -15.38 -13.52 -4.54
CA VAL C 155 -15.06 -14.41 -5.64
C VAL C 155 -15.14 -13.58 -6.89
N ILE C 156 -14.05 -13.58 -7.66
CA ILE C 156 -14.01 -12.86 -8.92
C ILE C 156 -13.69 -13.86 -10.03
N HIS C 157 -14.51 -13.87 -11.06
CA HIS C 157 -14.49 -14.97 -12.02
C HIS C 157 -14.95 -14.50 -13.38
N THR C 158 -15.16 -15.42 -14.32
CA THR C 158 -15.43 -15.01 -15.70
C THR C 158 -16.77 -15.53 -16.25
N SER C 159 -17.56 -16.20 -15.41
CA SER C 159 -18.75 -16.91 -15.88
C SER C 159 -20.07 -16.18 -15.68
N ASN C 160 -20.88 -16.16 -16.72
CA ASN C 160 -22.26 -15.75 -16.57
C ASN C 160 -23.00 -16.77 -15.70
N LEU C 161 -24.09 -16.34 -15.09
CA LEU C 161 -24.83 -17.25 -14.24
C LEU C 161 -25.93 -17.94 -15.04
N ILE C 162 -25.49 -18.80 -15.96
CA ILE C 162 -26.37 -19.62 -16.79
C ILE C 162 -25.68 -20.95 -16.95
N HIS C 163 -26.48 -22.01 -17.11
CA HIS C 163 -25.96 -23.37 -17.10
C HIS C 163 -24.80 -23.55 -18.06
N ALA C 164 -24.94 -23.00 -19.25
CA ALA C 164 -23.98 -23.26 -20.31
C ALA C 164 -22.59 -22.63 -20.07
N ASP C 165 -22.50 -21.63 -19.21
CA ASP C 165 -21.20 -21.02 -18.97
C ASP C 165 -20.36 -21.85 -18.03
N TRP C 166 -21.03 -22.73 -17.28
CA TRP C 166 -20.33 -23.60 -16.34
C TRP C 166 -20.29 -25.04 -16.79
N HIS C 167 -20.70 -25.33 -18.01
CA HIS C 167 -20.82 -26.73 -18.42
C HIS C 167 -19.59 -27.21 -19.20
N GLN C 168 -19.35 -26.69 -20.40
CA GLN C 168 -18.23 -27.17 -21.24
C GLN C 168 -17.32 -26.06 -21.77
N LYS C 169 -17.16 -25.01 -20.96
CA LYS C 169 -16.33 -23.85 -21.28
C LYS C 169 -15.08 -23.81 -20.39
N THR C 170 -14.02 -23.19 -20.90
CA THR C 170 -12.90 -22.87 -20.03
C THR C 170 -13.21 -21.53 -19.38
N GLN C 171 -13.39 -21.54 -18.06
CA GLN C 171 -13.62 -20.31 -17.30
C GLN C 171 -12.64 -20.22 -16.14
N GLY C 172 -12.42 -19.01 -15.63
CA GLY C 172 -11.51 -18.79 -14.51
C GLY C 172 -12.16 -18.22 -13.26
N ILE C 173 -11.57 -18.53 -12.11
CA ILE C 173 -12.09 -18.15 -10.80
C ILE C 173 -10.94 -17.74 -9.89
N TRP C 174 -11.06 -16.60 -9.22
CA TRP C 174 -10.18 -16.28 -8.11
C TRP C 174 -10.99 -16.33 -6.82
N LEU C 175 -10.56 -17.16 -5.87
CA LEU C 175 -11.21 -17.27 -4.56
C LEU C 175 -10.41 -16.53 -3.52
N SER C 176 -10.98 -15.51 -2.91
CA SER C 176 -10.38 -14.87 -1.74
C SER C 176 -10.27 -15.86 -0.55
N PRO C 177 -9.41 -15.57 0.41
CA PRO C 177 -9.43 -16.32 1.66
C PRO C 177 -10.71 -16.01 2.42
N LEU C 178 -11.00 -16.79 3.46
CA LEU C 178 -12.08 -16.47 4.38
C LEU C 178 -11.62 -15.26 5.17
N TYR C 179 -12.29 -14.12 4.99
CA TYR C 179 -11.98 -12.89 5.69
C TYR C 179 -12.70 -12.86 7.05
N PRO C 180 -11.96 -12.86 8.14
CA PRO C 180 -12.57 -12.86 9.48
C PRO C 180 -13.18 -11.49 9.73
N ARG C 181 -14.18 -11.41 10.59
CA ARG C 181 -14.74 -10.13 11.00
C ARG C 181 -13.75 -9.40 11.93
N ILE C 182 -13.64 -8.09 11.82
CA ILE C 182 -12.74 -7.35 12.71
C ILE C 182 -13.30 -7.29 14.14
N ALA C 183 -12.57 -7.92 15.06
CA ALA C 183 -13.00 -8.03 16.46
C ALA C 183 -13.62 -6.73 16.94
N ASP C 184 -14.87 -6.81 17.40
CA ASP C 184 -15.62 -5.67 17.94
C ASP C 184 -14.85 -4.85 19.00
N GLY C 185 -13.70 -5.37 19.42
CA GLY C 185 -12.87 -4.68 20.38
C GLY C 185 -11.77 -3.76 19.85
N THR C 186 -11.41 -3.88 18.58
CA THR C 186 -10.14 -3.27 18.16
C THR C 186 -10.15 -2.19 17.07
N HIS C 187 -8.99 -1.57 16.92
CA HIS C 187 -8.77 -0.51 15.95
C HIS C 187 -7.81 -0.99 14.86
N LYS C 188 -8.34 -1.43 13.73
CA LYS C 188 -7.50 -1.88 12.64
C LYS C 188 -8.19 -1.69 11.30
N SER C 189 -7.39 -1.48 10.27
CA SER C 189 -7.88 -1.17 8.94
C SER C 189 -8.45 -2.41 8.24
N GLY C 190 -7.91 -3.58 8.59
CA GLY C 190 -8.15 -4.78 7.82
C GLY C 190 -7.67 -4.65 6.38
N GLU C 191 -6.71 -3.76 6.12
CA GLU C 191 -6.27 -3.49 4.76
C GLU C 191 -5.07 -4.34 4.39
N SER C 192 -4.87 -4.61 3.10
CA SER C 192 -3.73 -5.40 2.69
C SER C 192 -2.64 -4.54 2.02
N PRO C 193 -1.42 -5.08 1.93
CA PRO C 193 -0.34 -4.38 1.20
C PRO C 193 -0.71 -4.02 -0.25
N THR C 194 -1.69 -4.72 -0.81
CA THR C 194 -2.12 -4.44 -2.17
C THR C 194 -3.30 -3.50 -2.23
N HIS C 195 -3.77 -3.03 -1.08
CA HIS C 195 -4.88 -2.08 -0.99
C HIS C 195 -6.20 -2.60 -1.56
N PHE C 196 -6.34 -3.92 -1.56
CA PHE C 196 -7.51 -4.57 -2.12
C PHE C 196 -8.80 -4.06 -1.48
N LYS C 197 -8.82 -4.00 -0.16
CA LYS C 197 -10.02 -3.62 0.59
C LYS C 197 -10.47 -2.23 0.18
N ALA C 198 -9.60 -1.22 0.31
CA ALA C 198 -9.93 0.12 -0.16
C ALA C 198 -10.32 0.16 -1.63
N ASN C 199 -9.55 -0.56 -2.47
CA ASN C 199 -9.85 -0.61 -3.90
C ASN C 199 -11.22 -1.22 -4.23
N LEU C 200 -11.59 -2.28 -3.53
CA LEU C 200 -12.89 -2.92 -3.74
C LEU C 200 -14.01 -2.00 -3.30
N ILE C 201 -13.84 -1.35 -2.16
CA ILE C 201 -14.80 -0.33 -1.71
C ILE C 201 -14.95 0.81 -2.70
N SER C 202 -13.84 1.36 -3.19
CA SER C 202 -13.91 2.35 -4.27
C SER C 202 -14.68 1.81 -5.49
N TYR C 203 -14.43 0.55 -5.86
CA TYR C 203 -15.10 -0.03 -7.03
C TYR C 203 -16.63 -0.02 -6.77
N LEU C 204 -17.02 -0.54 -5.63
CA LEU C 204 -18.43 -0.61 -5.29
C LEU C 204 -19.02 0.81 -5.20
N THR C 205 -18.21 1.76 -4.73
CA THR C 205 -18.70 3.10 -4.45
C THR C 205 -19.09 3.83 -5.74
N ALA C 206 -18.44 3.49 -6.84
CA ALA C 206 -18.67 4.20 -8.09
C ALA C 206 -20.06 3.90 -8.64
N TYR C 207 -20.68 2.83 -8.15
CA TYR C 207 -22.01 2.47 -8.62
C TYR C 207 -23.03 3.48 -8.20
N ASN C 208 -22.78 4.10 -7.05
CA ASN C 208 -23.74 5.00 -6.43
C ASN C 208 -25.06 4.32 -6.09
N ALA C 209 -25.00 3.09 -5.59
CA ALA C 209 -26.22 2.33 -5.37
C ALA C 209 -26.45 2.01 -3.90
N PRO C 210 -27.67 2.28 -3.44
CA PRO C 210 -28.07 2.04 -2.05
C PRO C 210 -27.80 0.63 -1.55
N SER C 211 -28.13 -0.39 -2.34
CA SER C 211 -27.97 -1.79 -1.88
C SER C 211 -26.52 -2.24 -1.77
N LEU C 212 -25.62 -1.51 -2.43
CA LEU C 212 -24.20 -1.84 -2.37
C LEU C 212 -23.56 -1.21 -1.14
N LYS C 213 -24.17 -0.14 -0.64
CA LYS C 213 -23.65 0.52 0.55
C LYS C 213 -23.65 -0.46 1.71
N GLU C 214 -24.70 -1.26 1.80
CA GLU C 214 -24.73 -2.34 2.79
C GLU C 214 -23.55 -3.31 2.65
N TRP C 215 -23.16 -3.60 1.40
CA TRP C 215 -22.02 -4.48 1.19
C TRP C 215 -20.72 -3.77 1.48
N ILE C 216 -20.67 -2.48 1.15
CA ILE C 216 -19.51 -1.64 1.44
C ILE C 216 -19.31 -1.62 2.95
N ASP C 217 -20.41 -1.52 3.69
CA ASP C 217 -20.32 -1.54 5.15
C ASP C 217 -19.96 -2.91 5.71
N VAL C 218 -20.36 -3.97 5.02
CA VAL C 218 -19.95 -5.32 5.45
C VAL C 218 -18.43 -5.49 5.24
N ILE C 219 -17.93 -4.95 4.14
CA ILE C 219 -16.51 -5.09 3.81
C ILE C 219 -15.64 -4.31 4.82
N HIS C 220 -16.09 -3.11 5.19
CA HIS C 220 -15.42 -2.31 6.22
C HIS C 220 -15.21 -3.11 7.48
N LYS C 221 -16.15 -3.99 7.79
CA LYS C 221 -16.16 -4.72 9.06
C LYS C 221 -15.25 -5.93 9.05
N HIS C 222 -14.71 -6.26 7.89
CA HIS C 222 -13.91 -7.47 7.77
C HIS C 222 -12.44 -7.17 7.56
N ASP C 223 -11.61 -8.14 7.97
CA ASP C 223 -10.16 -8.08 7.81
C ASP C 223 -9.67 -8.71 6.50
N LEU C 224 -9.32 -7.86 5.52
CA LEU C 224 -8.87 -8.33 4.21
C LEU C 224 -7.34 -8.26 4.01
N SER C 225 -6.60 -8.09 5.10
CA SER C 225 -5.14 -7.91 5.04
C SER C 225 -4.33 -9.08 4.46
N GLU C 226 -4.89 -10.28 4.44
CA GLU C 226 -4.13 -11.41 3.91
C GLU C 226 -4.22 -11.53 2.36
N THR C 227 -4.98 -10.63 1.72
CA THR C 227 -5.11 -10.58 0.27
C THR C 227 -3.80 -10.26 -0.42
N ASN C 228 -3.39 -11.12 -1.34
CA ASN C 228 -2.15 -10.90 -2.08
C ASN C 228 -2.30 -10.53 -3.56
N VAL C 229 -3.50 -10.13 -3.99
CA VAL C 229 -3.67 -9.73 -5.38
C VAL C 229 -4.09 -8.27 -5.47
N TYR C 230 -3.96 -7.68 -6.66
CA TYR C 230 -4.43 -6.33 -6.87
C TYR C 230 -5.75 -6.33 -7.65
N LEU C 231 -6.66 -5.45 -7.26
CA LEU C 231 -7.89 -5.25 -8.00
C LEU C 231 -7.71 -4.30 -9.18
N ILE C 232 -8.16 -4.75 -10.36
CA ILE C 232 -8.20 -3.91 -11.54
C ILE C 232 -9.64 -3.83 -12.01
N GLY C 233 -10.26 -2.67 -11.83
CA GLY C 233 -11.64 -2.49 -12.21
C GLY C 233 -11.83 -1.56 -13.40
N SER C 234 -12.97 -1.71 -14.04
CA SER C 234 -13.37 -0.75 -15.04
C SER C 234 -14.73 -0.25 -14.59
N THR C 235 -15.01 1.00 -14.93
CA THR C 235 -16.26 1.61 -14.52
C THR C 235 -16.60 2.67 -15.55
N PRO C 236 -17.88 2.84 -15.85
CA PRO C 236 -18.27 3.75 -16.94
C PRO C 236 -17.94 5.17 -16.53
N GLY C 237 -17.44 5.97 -17.45
CA GLY C 237 -17.12 7.34 -17.11
C GLY C 237 -16.09 7.97 -18.02
N ARG C 238 -15.87 9.27 -17.83
CA ARG C 238 -14.82 10.00 -18.54
C ARG C 238 -13.87 10.54 -17.48
N PHE C 239 -12.62 10.11 -17.54
CA PHE C 239 -11.71 10.31 -16.41
C PHE C 239 -10.54 11.20 -16.75
N GLN C 240 -10.23 12.11 -15.82
CA GLN C 240 -9.30 13.21 -16.07
C GLN C 240 -8.19 13.28 -15.04
N GLY C 241 -7.07 13.84 -15.45
CA GLY C 241 -5.96 14.07 -14.54
C GLY C 241 -5.57 12.83 -13.78
N SER C 242 -5.54 12.94 -12.46
CA SER C 242 -5.14 11.83 -11.59
C SER C 242 -6.09 10.63 -11.74
N GLN C 243 -7.35 10.93 -12.05
CA GLN C 243 -8.39 9.91 -12.07
C GLN C 243 -8.28 8.91 -13.22
N LYS C 244 -7.50 9.25 -14.24
CA LYS C 244 -7.16 8.29 -15.30
C LYS C 244 -6.59 6.98 -14.72
N ASP C 245 -5.82 7.10 -13.64
CA ASP C 245 -5.10 5.97 -13.03
C ASP C 245 -5.99 4.97 -12.31
N ASN C 246 -7.24 5.38 -12.02
CA ASN C 246 -8.15 4.59 -11.21
C ASN C 246 -8.72 3.35 -11.93
N TRP C 247 -8.86 3.44 -13.26
CA TRP C 247 -9.62 2.43 -14.02
C TRP C 247 -8.98 2.00 -15.35
N GLY C 248 -9.34 0.79 -15.75
CA GLY C 248 -9.03 0.33 -17.09
C GLY C 248 -7.56 0.05 -17.31
N HIS C 249 -7.13 0.20 -18.55
CA HIS C 249 -5.78 -0.15 -18.85
C HIS C 249 -4.78 0.81 -18.17
N PHE C 250 -5.24 2.01 -17.83
CA PHE C 250 -4.40 2.94 -17.08
C PHE C 250 -4.18 2.46 -15.64
N ARG C 251 -5.22 1.94 -15.02
CA ARG C 251 -5.07 1.33 -13.71
C ARG C 251 -3.95 0.28 -13.79
N LEU C 252 -4.00 -0.55 -14.83
CA LEU C 252 -3.00 -1.59 -15.03
C LEU C 252 -1.60 -1.00 -15.20
N LYS C 253 -1.50 0.02 -16.04
CA LYS C 253 -0.24 0.72 -16.27
C LYS C 253 0.33 1.24 -14.94
N LYS C 254 -0.51 1.93 -14.17
CA LYS C 254 -0.10 2.43 -12.86
C LYS C 254 0.49 1.34 -11.96
N LEU C 255 -0.22 0.22 -11.80
CA LEU C 255 0.26 -0.87 -10.93
C LEU C 255 1.54 -1.54 -11.42
N LEU C 256 1.68 -1.72 -12.73
CA LEU C 256 2.91 -2.25 -13.29
C LEU C 256 4.11 -1.27 -13.14
N LYS C 257 3.84 0.02 -13.20
CA LYS C 257 4.87 1.03 -12.95
C LYS C 257 5.33 0.96 -11.48
N ASP C 258 4.38 0.94 -10.56
CA ASP C 258 4.73 1.02 -9.16
C ASP C 258 5.17 -0.29 -8.51
N HIS C 259 4.78 -1.44 -9.07
CA HIS C 259 4.98 -2.72 -8.39
C HIS C 259 5.62 -3.83 -9.20
N ALA C 260 6.02 -3.51 -10.42
CA ALA C 260 6.83 -4.44 -11.17
C ALA C 260 8.20 -3.80 -11.38
N SER C 261 9.17 -4.58 -11.86
CA SER C 261 10.47 -3.99 -12.23
C SER C 261 10.92 -4.49 -13.61
N SER C 262 11.89 -3.81 -14.21
CA SER C 262 12.33 -4.15 -15.56
C SER C 262 13.38 -5.25 -15.58
N MET C 263 13.91 -5.56 -16.77
CA MET C 263 14.93 -6.61 -16.90
C MET C 263 15.72 -6.57 -18.22
N SER C 268 12.05 -7.38 -24.67
CA SER C 268 11.70 -8.52 -25.52
C SER C 268 10.85 -9.62 -24.82
N TRP C 269 10.27 -9.29 -23.66
CA TRP C 269 9.26 -10.15 -23.07
C TRP C 269 7.97 -9.84 -23.82
N PRO C 270 7.34 -10.85 -24.41
CA PRO C 270 6.08 -10.67 -25.15
C PRO C 270 4.92 -10.33 -24.21
N VAL C 271 3.82 -9.87 -24.80
CA VAL C 271 2.58 -9.63 -24.12
C VAL C 271 1.59 -10.62 -24.70
N VAL C 272 0.86 -11.34 -23.84
CA VAL C 272 -0.18 -12.24 -24.29
C VAL C 272 -1.56 -11.74 -23.83
N GLY C 273 -2.53 -11.75 -24.72
CA GLY C 273 -3.88 -11.32 -24.40
C GLY C 273 -4.84 -12.36 -24.96
N GLN C 274 -5.81 -12.77 -24.14
CA GLN C 274 -6.64 -13.94 -24.43
C GLN C 274 -8.07 -13.58 -23.99
N PHE C 275 -9.03 -13.69 -24.90
CA PHE C 275 -10.35 -13.12 -24.65
C PHE C 275 -11.37 -13.81 -25.53
N SER C 276 -12.64 -13.45 -25.37
CA SER C 276 -13.71 -14.14 -26.06
C SER C 276 -14.60 -13.17 -26.83
N SER C 277 -14.32 -11.88 -26.73
CA SER C 277 -15.09 -10.90 -27.50
C SER C 277 -14.15 -9.78 -27.95
N VAL C 278 -14.49 -9.15 -29.07
CA VAL C 278 -13.54 -8.30 -29.76
C VAL C 278 -14.21 -7.02 -30.16
N GLY C 279 -13.78 -5.91 -29.58
CA GLY C 279 -14.36 -4.62 -29.91
C GLY C 279 -13.91 -4.12 -31.28
N SER C 280 -14.39 -2.94 -31.65
CA SER C 280 -13.96 -2.31 -32.88
C SER C 280 -12.71 -1.49 -32.56
N LEU C 281 -11.56 -1.95 -33.04
CA LEU C 281 -10.27 -1.39 -32.59
C LEU C 281 -9.71 -0.22 -33.44
N GLY C 282 -10.38 0.12 -34.53
CA GLY C 282 -9.92 1.18 -35.41
C GLY C 282 -9.30 0.64 -36.68
N ALA C 283 -8.95 1.55 -37.59
CA ALA C 283 -8.53 1.21 -38.96
C ALA C 283 -7.16 0.54 -39.07
N ASP C 284 -6.35 0.63 -38.02
CA ASP C 284 -5.09 -0.11 -37.96
C ASP C 284 -4.56 -0.15 -36.53
N GLU C 285 -3.44 -0.83 -36.34
CA GLU C 285 -2.91 -1.09 -35.00
C GLU C 285 -2.46 0.13 -34.23
N SER C 286 -2.20 1.23 -34.94
CA SER C 286 -1.72 2.43 -34.29
C SER C 286 -2.86 3.23 -33.68
N LYS C 287 -4.08 2.89 -34.04
CA LYS C 287 -5.20 3.70 -33.57
C LYS C 287 -5.44 3.54 -32.07
N TRP C 288 -5.18 2.34 -31.54
CA TRP C 288 -5.47 2.00 -30.14
C TRP C 288 -4.71 0.77 -29.64
N LEU C 289 -4.77 -0.34 -30.38
CA LEU C 289 -4.15 -1.59 -29.95
C LEU C 289 -2.66 -1.45 -29.59
N CYS C 290 -1.86 -1.05 -30.57
CA CYS C 290 -0.42 -0.95 -30.38
C CYS C 290 -0.03 0.37 -29.73
N SER C 291 -0.87 1.39 -29.86
CA SER C 291 -0.53 2.67 -29.23
C SER C 291 -0.79 2.64 -27.72
N GLU C 292 -1.99 3.02 -27.29
CA GLU C 292 -2.23 3.11 -25.85
C GLU C 292 -2.41 1.77 -25.11
N PHE C 293 -3.01 0.77 -25.76
CA PHE C 293 -3.28 -0.50 -25.09
C PHE C 293 -2.01 -1.30 -24.80
N LYS C 294 -1.17 -1.44 -25.82
CA LYS C 294 0.08 -2.16 -25.66
C LYS C 294 1.05 -1.43 -24.73
N GLU C 295 1.01 -0.10 -24.72
CA GLU C 295 1.90 0.70 -23.88
C GLU C 295 1.64 0.41 -22.42
N SER C 296 0.36 0.37 -22.05
CA SER C 296 -0.02 0.01 -20.70
C SER C 296 0.50 -1.39 -20.36
N MET C 297 0.33 -2.33 -21.28
CA MET C 297 0.67 -3.73 -21.01
C MET C 297 2.15 -4.04 -20.96
N LEU C 298 2.97 -3.25 -21.66
CA LEU C 298 4.42 -3.47 -21.63
C LEU C 298 5.16 -2.68 -20.52
N THR C 299 4.43 -1.85 -19.79
CA THR C 299 4.99 -1.14 -18.65
C THR C 299 5.58 -2.09 -17.59
N LEU C 300 6.80 -1.80 -17.16
CA LEU C 300 7.38 -2.40 -15.95
C LEU C 300 8.25 -1.36 -15.24
N GLY C 301 8.11 -1.25 -13.91
CA GLY C 301 8.95 -0.36 -13.11
C GLY C 301 9.08 1.09 -13.54
N VAL C 312 8.23 -5.27 -29.08
CA VAL C 312 7.78 -6.41 -28.29
C VAL C 312 6.58 -7.08 -28.97
N PRO C 313 6.67 -8.40 -29.08
CA PRO C 313 5.65 -9.21 -29.76
C PRO C 313 4.32 -9.23 -28.99
N LEU C 314 3.23 -9.10 -29.73
CA LEU C 314 1.89 -9.14 -29.16
C LEU C 314 1.22 -10.43 -29.62
N TYR C 315 0.95 -11.35 -28.69
CA TYR C 315 0.18 -12.54 -29.00
C TYR C 315 -1.27 -12.38 -28.56
N LEU C 316 -2.20 -12.62 -29.48
CA LEU C 316 -3.63 -12.60 -29.11
C LEU C 316 -4.27 -13.96 -29.35
N ILE C 317 -4.86 -14.54 -28.30
CA ILE C 317 -5.45 -15.86 -28.39
C ILE C 317 -6.96 -15.78 -28.51
N TYR C 318 -7.49 -16.25 -29.65
CA TYR C 318 -8.91 -16.17 -29.92
C TYR C 318 -9.27 -17.35 -30.79
N PRO C 319 -10.35 -18.05 -30.45
CA PRO C 319 -10.74 -19.26 -31.18
C PRO C 319 -10.97 -19.04 -32.67
N SER C 320 -10.44 -19.97 -33.47
CA SER C 320 -10.69 -19.98 -34.89
C SER C 320 -11.97 -20.76 -35.11
N VAL C 321 -12.54 -20.64 -36.31
CA VAL C 321 -13.68 -21.46 -36.71
C VAL C 321 -13.45 -22.96 -36.45
N GLU C 322 -12.30 -23.48 -36.88
CA GLU C 322 -11.95 -24.87 -36.59
C GLU C 322 -11.96 -25.21 -35.09
N ASN C 323 -11.36 -24.36 -34.24
CA ASN C 323 -11.45 -24.56 -32.77
C ASN C 323 -12.91 -24.72 -32.29
N VAL C 324 -13.77 -23.80 -32.72
CA VAL C 324 -15.19 -23.84 -32.34
C VAL C 324 -15.91 -25.08 -32.87
N ARG C 325 -15.64 -25.40 -34.13
CA ARG C 325 -16.34 -26.50 -34.82
C ARG C 325 -16.15 -27.86 -34.15
N THR C 326 -14.93 -28.12 -33.69
CA THR C 326 -14.60 -29.43 -33.10
C THR C 326 -14.63 -29.41 -31.59
N SER C 327 -15.19 -28.34 -31.03
CA SER C 327 -15.26 -28.23 -29.59
C SER C 327 -16.31 -29.19 -29.02
N LEU C 328 -16.35 -29.28 -27.70
CA LEU C 328 -17.36 -30.10 -27.05
C LEU C 328 -18.77 -29.58 -27.31
N GLU C 329 -18.92 -28.28 -27.49
CA GLU C 329 -20.25 -27.75 -27.73
C GLU C 329 -20.59 -27.73 -29.23
N GLY C 330 -19.56 -27.68 -30.05
CA GLY C 330 -19.73 -27.46 -31.47
C GLY C 330 -19.97 -25.98 -31.70
N TYR C 331 -20.58 -25.69 -32.84
CA TYR C 331 -20.87 -24.32 -33.25
C TYR C 331 -21.59 -23.46 -32.20
N PRO C 332 -22.52 -24.00 -31.43
CA PRO C 332 -23.15 -23.19 -30.38
C PRO C 332 -22.17 -22.59 -29.35
N ALA C 333 -20.94 -23.09 -29.28
CA ALA C 333 -19.93 -22.39 -28.48
C ALA C 333 -19.78 -20.98 -29.02
N GLY C 334 -19.99 -20.83 -30.32
CA GLY C 334 -19.84 -19.54 -30.96
C GLY C 334 -20.84 -18.48 -30.51
N GLY C 335 -21.93 -18.92 -29.86
CA GLY C 335 -22.90 -17.97 -29.33
C GLY C 335 -22.28 -17.15 -28.20
N SER C 336 -21.27 -17.70 -27.54
CA SER C 336 -20.55 -17.01 -26.47
C SER C 336 -19.23 -16.36 -26.93
N LEU C 337 -19.03 -16.28 -28.25
CA LEU C 337 -17.87 -15.62 -28.85
C LEU C 337 -18.41 -14.65 -29.91
N PRO C 338 -18.91 -13.52 -29.43
CA PRO C 338 -19.71 -12.64 -30.29
C PRO C 338 -18.91 -11.65 -31.14
N TYR C 339 -18.02 -12.14 -31.99
CA TYR C 339 -17.30 -11.28 -32.94
C TYR C 339 -18.17 -11.20 -34.19
N SER C 340 -18.55 -9.99 -34.57
CA SER C 340 -19.51 -9.79 -35.67
C SER C 340 -18.77 -9.45 -36.96
N ILE C 341 -19.32 -9.85 -38.10
CA ILE C 341 -18.69 -9.59 -39.39
C ILE C 341 -18.56 -8.10 -39.64
N GLN C 342 -19.55 -7.32 -39.23
CA GLN C 342 -19.52 -5.87 -39.34
C GLN C 342 -18.29 -5.25 -38.66
N THR C 343 -17.95 -5.74 -37.48
CA THR C 343 -16.78 -5.25 -36.77
C THR C 343 -15.53 -5.81 -37.44
N ALA C 344 -15.54 -7.12 -37.68
CA ALA C 344 -14.37 -7.80 -38.24
C ALA C 344 -13.92 -7.30 -39.62
N GLU C 345 -14.85 -6.93 -40.48
CA GLU C 345 -14.47 -6.56 -41.84
C GLU C 345 -13.74 -5.21 -41.84
N LYS C 346 -13.98 -4.41 -40.81
CA LYS C 346 -13.41 -3.07 -40.67
C LYS C 346 -11.98 -3.11 -40.15
N GLN C 347 -11.53 -4.27 -39.66
CA GLN C 347 -10.22 -4.33 -38.99
C GLN C 347 -9.48 -5.64 -39.31
N ASN C 348 -9.43 -5.99 -40.58
CA ASN C 348 -8.80 -7.25 -40.96
C ASN C 348 -7.34 -7.37 -40.54
N TRP C 349 -6.71 -6.22 -40.32
CA TRP C 349 -5.30 -6.20 -39.90
C TRP C 349 -5.08 -7.01 -38.62
N LEU C 350 -5.97 -6.84 -37.65
CA LEU C 350 -5.89 -7.47 -36.32
C LEU C 350 -5.64 -8.96 -36.39
N HIS C 351 -6.25 -9.61 -37.37
CA HIS C 351 -6.24 -11.06 -37.43
C HIS C 351 -4.86 -11.68 -37.65
N SER C 352 -3.87 -10.90 -38.10
CA SER C 352 -2.52 -11.46 -38.20
C SER C 352 -1.91 -11.61 -36.82
N TYR C 353 -2.55 -11.03 -35.81
CA TYR C 353 -2.12 -11.20 -34.42
C TYR C 353 -2.72 -12.42 -33.75
N PHE C 354 -3.64 -13.10 -34.43
CA PHE C 354 -4.48 -14.09 -33.77
C PHE C 354 -3.83 -15.46 -33.70
N HIS C 355 -4.04 -16.16 -32.59
CA HIS C 355 -3.47 -17.47 -32.36
C HIS C 355 -4.59 -18.36 -31.86
N LYS C 356 -4.47 -19.66 -32.12
CA LYS C 356 -5.50 -20.63 -31.80
C LYS C 356 -5.64 -20.82 -30.31
N TRP C 357 -6.79 -21.36 -29.93
CA TRP C 357 -6.98 -21.84 -28.59
C TRP C 357 -6.47 -23.27 -28.50
N SER C 358 -5.51 -23.46 -27.60
CA SER C 358 -4.92 -24.73 -27.35
C SER C 358 -4.68 -24.85 -25.87
N ALA C 359 -5.12 -25.95 -25.27
CA ALA C 359 -5.05 -26.08 -23.81
C ALA C 359 -4.86 -27.53 -23.38
N GLU C 360 -3.94 -28.23 -24.03
CA GLU C 360 -3.57 -29.59 -23.69
C GLU C 360 -3.13 -29.65 -22.23
N THR C 361 -2.39 -28.64 -21.78
CA THR C 361 -1.98 -28.58 -20.38
C THR C 361 -3.14 -28.76 -19.40
N SER C 362 -4.33 -28.25 -19.71
CA SER C 362 -5.47 -28.38 -18.78
C SER C 362 -6.55 -29.29 -19.33
N GLY C 363 -6.30 -29.90 -20.49
CA GLY C 363 -7.23 -30.86 -21.08
C GLY C 363 -8.49 -30.18 -21.61
N ARG C 364 -8.32 -28.93 -22.05
CA ARG C 364 -9.46 -28.08 -22.36
C ARG C 364 -9.36 -27.45 -23.76
N SER C 365 -8.58 -28.07 -24.64
CA SER C 365 -8.47 -27.57 -26.02
C SER C 365 -9.84 -27.56 -26.66
N ASN C 366 -10.73 -28.45 -26.23
CA ASN C 366 -12.07 -28.55 -26.78
C ASN C 366 -13.14 -27.82 -25.94
N ALA C 367 -12.72 -27.20 -24.84
CA ALA C 367 -13.63 -26.39 -24.05
C ALA C 367 -13.36 -24.93 -24.37
N MET C 368 -14.24 -24.34 -25.19
CA MET C 368 -14.02 -22.97 -25.65
C MET C 368 -13.86 -21.96 -24.51
N PRO C 369 -12.90 -21.07 -24.67
CA PRO C 369 -12.59 -20.06 -23.66
C PRO C 369 -13.69 -19.00 -23.52
N HIS C 370 -14.15 -18.80 -22.28
CA HIS C 370 -14.89 -17.60 -21.97
C HIS C 370 -14.13 -16.86 -20.85
N ILE C 371 -13.00 -17.42 -20.46
CA ILE C 371 -12.06 -16.76 -19.57
C ILE C 371 -11.38 -15.67 -20.39
N LYS C 372 -10.88 -14.62 -19.72
CA LYS C 372 -10.06 -13.60 -20.34
C LYS C 372 -8.80 -13.48 -19.46
N THR C 373 -7.64 -13.47 -20.09
CA THR C 373 -6.38 -13.35 -19.35
C THR C 373 -5.38 -12.54 -20.14
N TYR C 374 -4.50 -11.88 -19.41
CA TYR C 374 -3.42 -11.11 -19.98
C TYR C 374 -2.20 -11.40 -19.12
N MET C 375 -1.02 -11.49 -19.75
CA MET C 375 0.22 -11.83 -19.02
C MET C 375 1.49 -11.42 -19.76
N ARG C 376 2.64 -11.53 -19.09
CA ARG C 376 3.89 -11.05 -19.62
C ARG C 376 4.94 -12.13 -19.44
N PRO C 377 5.00 -13.04 -20.39
CA PRO C 377 5.89 -14.20 -20.29
C PRO C 377 7.31 -13.78 -20.65
N SER C 378 8.30 -14.54 -20.20
CA SER C 378 9.67 -14.37 -20.68
C SER C 378 9.75 -14.85 -22.13
N PRO C 379 10.83 -14.50 -22.84
CA PRO C 379 10.95 -14.88 -24.26
C PRO C 379 10.89 -16.39 -24.54
N ASP C 380 11.24 -17.23 -23.58
CA ASP C 380 11.07 -18.65 -23.80
C ASP C 380 9.78 -19.19 -23.15
N PHE C 381 8.93 -18.29 -22.66
CA PHE C 381 7.64 -18.67 -22.07
C PHE C 381 7.71 -19.54 -20.81
N SER C 382 8.88 -19.68 -20.20
CA SER C 382 9.02 -20.51 -19.00
C SER C 382 8.71 -19.73 -17.73
N LYS C 383 8.70 -18.42 -17.82
CA LYS C 383 8.28 -17.63 -16.65
C LYS C 383 7.44 -16.45 -17.07
N ILE C 384 6.79 -15.78 -16.10
CA ILE C 384 5.96 -14.59 -16.34
C ILE C 384 6.21 -13.44 -15.37
N ALA C 385 6.14 -12.20 -15.86
CA ALA C 385 6.32 -11.04 -15.00
C ALA C 385 5.05 -10.73 -14.21
N TRP C 386 3.90 -11.16 -14.73
CA TRP C 386 2.60 -10.98 -14.09
C TRP C 386 1.46 -11.70 -14.81
N PHE C 387 0.36 -11.91 -14.10
CA PHE C 387 -0.82 -12.56 -14.67
C PHE C 387 -2.07 -11.81 -14.23
N LEU C 388 -2.94 -11.55 -15.20
CA LEU C 388 -4.25 -10.98 -14.95
C LEU C 388 -5.37 -11.91 -15.44
N VAL C 389 -6.27 -12.28 -14.54
CA VAL C 389 -7.56 -12.86 -14.93
C VAL C 389 -8.64 -11.80 -14.68
N THR C 390 -9.59 -11.67 -15.60
CA THR C 390 -10.53 -10.55 -15.56
C THR C 390 -11.74 -10.83 -16.44
N SER C 391 -12.76 -10.01 -16.30
CA SER C 391 -13.89 -10.10 -17.22
C SER C 391 -13.63 -9.31 -18.52
N ALA C 392 -12.57 -8.51 -18.56
CA ALA C 392 -12.37 -7.58 -19.69
C ALA C 392 -11.96 -8.27 -21.01
N ASN C 393 -12.78 -8.13 -22.03
CA ASN C 393 -12.46 -8.65 -23.35
C ASN C 393 -11.59 -7.64 -24.11
N LEU C 394 -11.27 -7.92 -25.37
CA LEU C 394 -10.44 -6.98 -26.11
C LEU C 394 -11.30 -5.92 -26.77
N SER C 395 -11.68 -4.92 -25.97
CA SER C 395 -12.42 -3.78 -26.49
C SER C 395 -12.10 -2.50 -25.73
N LYS C 396 -12.33 -1.37 -26.40
CA LYS C 396 -12.20 -0.07 -25.78
C LYS C 396 -13.30 0.15 -24.75
N ALA C 397 -14.50 -0.36 -25.05
CA ALA C 397 -15.62 -0.33 -24.11
C ALA C 397 -15.18 -0.78 -22.72
N ALA C 398 -14.43 -1.88 -22.69
CA ALA C 398 -13.94 -2.53 -21.48
C ALA C 398 -12.67 -1.89 -20.90
N TRP C 399 -11.68 -1.65 -21.75
CA TRP C 399 -10.38 -1.20 -21.30
C TRP C 399 -10.19 0.32 -21.20
N GLY C 400 -10.98 1.09 -21.95
CA GLY C 400 -10.86 2.54 -21.96
C GLY C 400 -10.17 3.05 -23.20
N ALA C 401 -10.66 4.15 -23.73
CA ALA C 401 -10.00 4.83 -24.86
C ALA C 401 -9.75 6.30 -24.55
N LEU C 402 -8.64 6.81 -25.05
CA LEU C 402 -8.20 8.16 -24.72
C LEU C 402 -8.96 9.17 -25.55
N GLU C 403 -9.57 10.15 -24.88
CA GLU C 403 -10.35 11.19 -25.56
C GLU C 403 -9.75 12.59 -25.36
N LYS C 404 -10.33 13.57 -26.05
CA LYS C 404 -9.92 14.98 -25.95
C LYS C 404 -8.40 15.18 -25.87
N ASN C 405 -7.71 14.80 -26.94
CA ASN C 405 -6.26 14.92 -27.06
C ASN C 405 -5.47 14.27 -25.92
N GLY C 406 -5.88 13.06 -25.54
CA GLY C 406 -5.22 12.29 -24.51
C GLY C 406 -5.37 12.80 -23.08
N THR C 407 -6.43 13.57 -22.81
CA THR C 407 -6.61 14.15 -21.47
C THR C 407 -7.67 13.41 -20.68
N GLN C 408 -8.50 12.67 -21.40
CA GLN C 408 -9.61 11.95 -20.81
C GLN C 408 -9.56 10.48 -21.17
N LEU C 409 -9.85 9.61 -20.20
CA LEU C 409 -10.02 8.20 -20.47
C LEU C 409 -11.51 7.88 -20.48
N MET C 410 -12.00 7.36 -21.59
CA MET C 410 -13.41 6.99 -21.66
C MET C 410 -13.61 5.48 -21.54
N ILE C 411 -14.32 5.07 -20.50
CA ILE C 411 -14.72 3.66 -20.34
C ILE C 411 -16.24 3.55 -20.40
N ARG C 412 -16.74 2.54 -21.11
CA ARG C 412 -18.18 2.36 -21.22
C ARG C 412 -18.78 1.34 -20.24
N SER C 413 -17.97 0.43 -19.71
CA SER C 413 -18.54 -0.70 -18.97
C SER C 413 -17.96 -0.95 -17.59
N TYR C 414 -18.61 -1.84 -16.85
CA TYR C 414 -18.09 -2.35 -15.60
C TYR C 414 -17.31 -3.61 -15.92
N GLU C 415 -16.04 -3.65 -15.51
CA GLU C 415 -15.20 -4.85 -15.61
C GLU C 415 -14.40 -5.01 -14.31
N LEU C 416 -14.01 -6.23 -14.00
CA LEU C 416 -13.25 -6.43 -12.78
C LEU C 416 -12.32 -7.62 -12.93
N GLY C 417 -11.09 -7.45 -12.47
CA GLY C 417 -10.13 -8.54 -12.46
C GLY C 417 -9.15 -8.49 -11.31
N VAL C 418 -8.35 -9.55 -11.20
CA VAL C 418 -7.30 -9.59 -10.21
C VAL C 418 -5.95 -9.81 -10.88
N LEU C 419 -4.95 -9.07 -10.41
CA LEU C 419 -3.63 -9.10 -11.01
C LEU C 419 -2.69 -9.75 -10.04
N PHE C 420 -1.96 -10.77 -10.52
CA PHE C 420 -0.99 -11.48 -9.68
C PHE C 420 0.39 -10.89 -9.97
N LEU C 421 0.95 -10.22 -8.98
CA LEU C 421 2.26 -9.61 -9.09
C LEU C 421 3.25 -10.39 -8.21
N PRO C 422 4.36 -10.85 -8.79
CA PRO C 422 5.38 -11.54 -8.02
C PRO C 422 5.87 -10.76 -6.78
N SER C 423 5.96 -9.44 -6.87
CA SER C 423 6.33 -8.60 -5.72
C SER C 423 5.44 -8.83 -4.48
N ALA C 424 4.16 -9.12 -4.70
CA ALA C 424 3.23 -9.37 -3.60
C ALA C 424 3.52 -10.68 -2.85
N LEU C 425 4.32 -11.54 -3.45
CA LEU C 425 4.72 -12.80 -2.81
C LEU C 425 6.21 -12.79 -2.46
N GLY C 426 6.85 -11.65 -2.69
CA GLY C 426 8.26 -11.48 -2.41
C GLY C 426 9.19 -11.95 -3.51
N LEU C 427 8.66 -12.16 -4.72
CA LEU C 427 9.43 -12.73 -5.85
C LEU C 427 9.64 -11.73 -6.98
N ASP C 428 10.38 -12.13 -8.01
CA ASP C 428 10.63 -11.26 -9.16
C ASP C 428 9.84 -11.70 -10.38
N SER C 429 9.48 -12.98 -10.39
CA SER C 429 8.79 -13.60 -11.49
C SER C 429 8.11 -14.84 -10.96
N PHE C 430 7.12 -15.34 -11.68
CA PHE C 430 6.59 -16.66 -11.37
C PHE C 430 7.13 -17.63 -12.43
N LYS C 431 7.45 -18.84 -12.01
CA LYS C 431 7.68 -19.90 -12.97
C LYS C 431 6.31 -20.33 -13.49
N VAL C 432 6.24 -20.74 -14.76
CA VAL C 432 4.99 -21.24 -15.30
C VAL C 432 4.85 -22.73 -15.01
N LYS C 433 3.71 -23.14 -14.43
CA LYS C 433 3.47 -24.55 -14.27
C LYS C 433 3.20 -25.13 -15.67
N GLN C 434 4.06 -26.05 -16.12
CA GLN C 434 4.01 -26.52 -17.50
C GLN C 434 2.83 -27.45 -17.76
N LYS C 435 2.42 -28.18 -16.72
CA LYS C 435 1.24 -29.06 -16.79
C LYS C 435 0.21 -28.73 -15.69
N PHE C 436 -0.89 -28.10 -16.10
CA PHE C 436 -1.95 -27.69 -15.17
C PHE C 436 -2.40 -28.86 -14.28
N ALA C 445 4.93 -20.81 -5.96
CA ALA C 445 6.11 -20.44 -6.74
C ALA C 445 5.79 -20.43 -8.25
N THR C 446 4.98 -21.39 -8.68
CA THR C 446 4.75 -21.61 -10.10
C THR C 446 3.26 -21.38 -10.46
N PHE C 447 3.04 -20.49 -11.41
CA PHE C 447 1.70 -20.03 -11.70
C PHE C 447 0.99 -20.97 -12.69
N PRO C 448 -0.25 -21.37 -12.38
CA PRO C 448 -1.04 -22.25 -13.25
C PRO C 448 -1.62 -21.61 -14.51
N VAL C 449 -0.80 -21.30 -15.51
CA VAL C 449 -1.29 -20.86 -16.82
C VAL C 449 -2.14 -21.97 -17.45
N PRO C 450 -3.41 -21.67 -17.71
CA PRO C 450 -4.40 -22.70 -18.08
C PRO C 450 -4.41 -23.15 -19.54
N TYR C 451 -3.64 -22.49 -20.40
CA TYR C 451 -3.55 -22.85 -21.82
C TYR C 451 -2.10 -22.95 -22.28
N ASP C 452 -1.89 -23.55 -23.45
CA ASP C 452 -0.56 -23.97 -23.90
C ASP C 452 0.33 -22.82 -24.32
N LEU C 453 1.63 -22.98 -24.14
CA LEU C 453 2.58 -21.97 -24.60
C LEU C 453 3.70 -22.67 -25.38
N PRO C 454 4.31 -21.97 -26.34
CA PRO C 454 3.86 -20.64 -26.75
C PRO C 454 2.58 -20.76 -27.57
N PRO C 455 1.83 -19.68 -27.75
CA PRO C 455 0.57 -19.75 -28.50
C PRO C 455 0.84 -20.08 -29.97
N GLU C 456 -0.04 -20.88 -30.59
CA GLU C 456 0.16 -21.29 -31.98
C GLU C 456 -0.57 -20.38 -32.96
N LEU C 457 0.15 -19.86 -33.94
CA LEU C 457 -0.41 -18.96 -34.95
C LEU C 457 -1.51 -19.63 -35.77
N TYR C 458 -2.54 -18.87 -36.13
CA TYR C 458 -3.52 -19.32 -37.12
C TYR C 458 -2.85 -19.87 -38.39
N GLY C 459 -3.31 -21.04 -38.86
CA GLY C 459 -2.90 -21.54 -40.17
C GLY C 459 -3.30 -20.56 -41.28
N SER C 460 -2.94 -20.86 -42.52
CA SER C 460 -3.33 -19.95 -43.60
C SER C 460 -4.80 -20.12 -43.97
N LYS C 461 -5.33 -21.31 -43.74
CA LYS C 461 -6.76 -21.52 -43.97
C LYS C 461 -7.68 -21.25 -42.74
N ASP C 462 -7.13 -20.71 -41.64
CA ASP C 462 -7.90 -20.49 -40.42
C ASP C 462 -8.56 -19.12 -40.46
N ARG C 463 -9.72 -19.00 -39.83
CA ARG C 463 -10.37 -17.72 -39.66
C ARG C 463 -10.81 -17.56 -38.24
N PRO C 464 -10.87 -16.32 -37.80
CA PRO C 464 -11.40 -16.01 -36.47
C PRO C 464 -12.87 -16.44 -36.46
N TRP C 465 -13.32 -17.06 -35.37
CA TRP C 465 -14.72 -17.39 -35.26
C TRP C 465 -15.53 -16.08 -35.37
N ILE C 466 -16.46 -16.03 -36.32
CA ILE C 466 -17.37 -14.89 -36.41
C ILE C 466 -18.81 -15.36 -36.30
N TRP C 467 -19.52 -14.81 -35.33
CA TRP C 467 -20.77 -15.39 -34.86
C TRP C 467 -21.95 -15.27 -35.84
N ASN C 468 -22.00 -14.22 -36.66
CA ASN C 468 -23.21 -13.95 -37.44
C ASN C 468 -23.10 -14.23 -38.92
N ILE C 469 -22.23 -15.15 -39.29
CA ILE C 469 -22.23 -15.67 -40.65
C ILE C 469 -22.39 -17.19 -40.54
N PRO C 470 -22.86 -17.82 -41.62
CA PRO C 470 -23.15 -19.26 -41.60
C PRO C 470 -21.92 -20.10 -41.85
N TYR C 471 -21.87 -21.28 -41.24
CA TYR C 471 -20.83 -22.25 -41.50
C TYR C 471 -21.65 -23.47 -41.86
N VAL C 472 -21.65 -23.80 -43.15
CA VAL C 472 -22.49 -24.86 -43.70
C VAL C 472 -21.71 -25.85 -44.56
N LYS C 473 -20.40 -25.63 -44.68
CA LYS C 473 -19.56 -26.50 -45.47
C LYS C 473 -19.10 -27.72 -44.67
N ALA C 474 -19.06 -27.58 -43.35
CA ALA C 474 -18.66 -28.71 -42.50
C ALA C 474 -19.45 -28.74 -41.22
N PRO C 475 -19.90 -29.93 -40.87
CA PRO C 475 -20.69 -30.11 -39.66
C PRO C 475 -19.76 -30.11 -38.44
N ASP C 476 -20.33 -29.83 -37.28
CA ASP C 476 -19.57 -29.74 -36.06
C ASP C 476 -19.59 -31.09 -35.34
N THR C 477 -19.05 -31.09 -34.15
CA THR C 477 -19.06 -32.23 -33.26
C THR C 477 -20.40 -32.97 -33.19
N HIS C 478 -21.51 -32.26 -33.33
CA HIS C 478 -22.80 -32.93 -33.17
C HIS C 478 -23.55 -33.11 -34.50
N GLY C 479 -22.82 -32.92 -35.59
CA GLY C 479 -23.35 -33.13 -36.93
C GLY C 479 -24.32 -32.02 -37.37
N ASN C 480 -24.16 -30.86 -36.75
CA ASN C 480 -25.01 -29.70 -37.01
C ASN C 480 -24.23 -28.65 -37.80
N MET C 481 -24.97 -27.79 -38.51
CA MET C 481 -24.37 -26.65 -39.16
C MET C 481 -24.74 -25.44 -38.31
N TRP C 482 -24.31 -24.27 -38.73
CA TRP C 482 -24.57 -23.04 -38.00
C TRP C 482 -25.10 -22.01 -39.00
N VAL C 483 -26.37 -21.64 -38.84
CA VAL C 483 -27.00 -20.65 -39.72
C VAL C 483 -27.74 -19.63 -38.87
N PRO C 484 -27.03 -18.57 -38.49
CA PRO C 484 -27.55 -17.58 -37.56
C PRO C 484 -28.60 -16.72 -38.24
N SER C 485 -29.76 -16.53 -37.62
CA SER C 485 -30.80 -15.72 -38.24
C SER C 485 -32.19 -16.17 -37.79
N ASN D 39 -2.82 -1.68 22.96
CA ASN D 39 -2.68 -0.26 22.51
C ASN D 39 -2.11 -0.21 21.09
N PRO D 40 -2.77 0.52 20.20
CA PRO D 40 -2.39 0.52 18.79
C PRO D 40 -1.22 1.44 18.50
N PHE D 41 -1.00 2.47 19.30
CA PHE D 41 0.05 3.43 18.97
C PHE D 41 1.48 2.98 19.28
N GLN D 42 1.70 2.35 20.44
CA GLN D 42 3.04 1.90 20.83
C GLN D 42 4.04 3.06 20.84
N PHE D 43 3.53 4.20 21.26
CA PHE D 43 4.29 5.41 21.42
C PHE D 43 4.56 5.63 22.91
N TYR D 44 5.83 5.76 23.29
CA TYR D 44 6.17 5.95 24.70
C TYR D 44 7.13 7.13 24.93
N LEU D 45 7.23 7.57 26.18
CA LEU D 45 8.21 8.57 26.58
C LEU D 45 9.29 7.83 27.34
N THR D 46 10.47 8.43 27.50
CA THR D 46 11.51 7.77 28.28
C THR D 46 11.28 8.05 29.74
N ARG D 47 11.89 7.27 30.60
CA ARG D 47 11.77 7.43 32.05
C ARG D 47 12.48 8.74 32.39
N VAL D 48 11.94 9.48 33.35
CA VAL D 48 12.56 10.73 33.80
C VAL D 48 12.89 10.69 35.29
N SER D 49 14.17 10.78 35.62
CA SER D 49 14.54 10.73 37.03
C SER D 49 13.98 11.91 37.76
N GLY D 50 13.18 11.63 38.77
CA GLY D 50 12.82 12.66 39.72
C GLY D 50 11.37 13.08 39.68
N VAL D 51 10.67 12.78 38.58
CA VAL D 51 9.23 13.02 38.54
C VAL D 51 8.57 11.97 39.41
N LYS D 52 7.31 12.20 39.76
CA LYS D 52 6.54 11.24 40.54
C LYS D 52 6.37 9.94 39.77
N PRO D 53 6.43 8.81 40.50
CA PRO D 53 6.29 7.48 39.91
C PRO D 53 5.12 7.35 38.92
N LYS D 54 4.01 8.01 39.22
CA LYS D 54 2.87 8.03 38.30
C LYS D 54 3.19 8.54 36.89
N TYR D 55 4.23 9.37 36.77
CA TYR D 55 4.64 9.92 35.48
C TYR D 55 5.71 9.06 34.82
N ASN D 56 6.13 8.01 35.52
CA ASN D 56 7.06 7.07 34.93
C ASN D 56 6.49 5.68 34.63
N SER D 57 5.28 5.40 35.08
CA SER D 57 4.80 4.01 35.00
C SER D 57 4.63 3.52 33.54
N GLY D 58 4.01 4.31 32.67
CA GLY D 58 3.98 3.94 31.27
C GLY D 58 5.25 4.25 30.48
N ALA D 59 6.33 4.69 31.13
CA ALA D 59 7.54 5.15 30.41
C ALA D 59 8.64 4.09 30.32
N LEU D 60 9.58 4.27 29.39
CA LEU D 60 10.61 3.28 29.16
C LEU D 60 12.02 3.85 29.30
N HIS D 61 12.86 3.22 30.09
CA HIS D 61 14.27 3.49 30.04
C HIS D 61 14.87 2.51 29.02
N ILE D 62 16.06 2.84 28.49
CA ILE D 62 16.71 1.93 27.55
C ILE D 62 16.98 0.55 28.18
N LYS D 63 17.17 0.51 29.49
CA LYS D 63 17.30 -0.79 30.15
C LYS D 63 16.04 -1.62 29.99
N ASP D 64 14.86 -0.99 30.06
CA ASP D 64 13.62 -1.74 29.87
C ASP D 64 13.55 -2.32 28.45
N ILE D 65 13.89 -1.49 27.46
CA ILE D 65 13.78 -1.84 26.04
C ILE D 65 14.63 -3.04 25.71
N LEU D 66 15.78 -3.15 26.37
CA LEU D 66 16.74 -4.20 26.07
C LEU D 66 16.63 -5.43 27.00
N SER D 67 15.65 -5.43 27.89
CA SER D 67 15.50 -6.54 28.85
C SER D 67 15.09 -7.86 28.16
N PRO D 68 15.39 -8.98 28.81
CA PRO D 68 15.00 -10.31 28.31
C PRO D 68 13.50 -10.40 28.05
N LEU D 69 12.72 -9.61 28.77
CA LEU D 69 11.27 -9.63 28.66
C LEU D 69 10.80 -9.18 27.29
N PHE D 70 11.62 -8.39 26.59
CA PHE D 70 11.23 -7.91 25.28
C PHE D 70 11.62 -8.94 24.21
N GLY D 71 12.52 -9.85 24.56
CA GLY D 71 12.98 -10.85 23.61
C GLY D 71 14.35 -11.38 23.97
N THR D 72 14.72 -12.53 23.40
CA THR D 72 16.04 -13.11 23.62
C THR D 72 17.01 -12.65 22.54
N LEU D 73 17.81 -11.64 22.88
CA LEU D 73 18.72 -11.00 21.93
C LEU D 73 19.76 -11.96 21.34
N VAL D 74 19.92 -11.87 20.04
CA VAL D 74 20.90 -12.60 19.26
C VAL D 74 21.93 -11.58 18.71
N SER D 75 21.43 -10.46 18.17
CA SER D 75 22.25 -9.31 17.79
C SER D 75 21.43 -8.05 17.62
N SER D 76 22.10 -6.91 17.63
CA SER D 76 21.39 -5.64 17.52
C SER D 76 22.20 -4.62 16.75
N ALA D 77 21.51 -3.67 16.12
CA ALA D 77 22.16 -2.57 15.43
C ALA D 77 21.66 -1.30 16.09
N GLN D 78 22.58 -0.40 16.40
CA GLN D 78 22.22 0.85 17.07
C GLN D 78 22.58 2.03 16.19
N PHE D 79 21.57 2.60 15.53
CA PHE D 79 21.76 3.77 14.68
C PHE D 79 21.67 4.97 15.60
N ASN D 80 22.64 5.85 15.53
CA ASN D 80 22.53 7.06 16.31
C ASN D 80 23.50 8.14 15.89
N TYR D 81 23.47 9.24 16.62
CA TYR D 81 24.31 10.37 16.31
C TYR D 81 25.48 10.43 17.30
N CYS D 82 25.20 10.50 18.60
CA CYS D 82 26.23 10.43 19.63
C CYS D 82 26.12 9.15 20.44
N PHE D 83 27.28 8.67 20.89
CA PHE D 83 27.42 7.39 21.54
C PHE D 83 28.36 7.55 22.73
N ASP D 84 27.99 6.95 23.86
CA ASP D 84 28.92 6.71 24.93
C ASP D 84 28.96 5.19 25.04
N VAL D 85 30.06 4.60 24.58
CA VAL D 85 30.06 3.14 24.39
C VAL D 85 30.10 2.36 25.70
N ASP D 86 30.94 2.81 26.64
CA ASP D 86 30.94 2.24 27.98
C ASP D 86 29.56 2.28 28.62
N TRP D 87 28.86 3.41 28.52
CA TRP D 87 27.52 3.52 29.08
C TRP D 87 26.53 2.62 28.32
N LEU D 88 26.65 2.63 27.00
CA LEU D 88 25.73 1.82 26.19
C LEU D 88 25.75 0.33 26.53
N VAL D 89 26.95 -0.25 26.61
CA VAL D 89 27.05 -1.68 26.89
C VAL D 89 26.43 -2.06 28.23
N LYS D 90 26.55 -1.16 29.21
CA LYS D 90 25.94 -1.40 30.51
C LYS D 90 24.41 -1.33 30.47
N GLN D 91 23.83 -0.77 29.40
CA GLN D 91 22.38 -0.77 29.33
C GLN D 91 21.85 -2.15 28.92
N TYR D 92 22.70 -2.99 28.36
CA TYR D 92 22.25 -4.31 27.94
C TYR D 92 22.27 -5.19 29.21
N PRO D 93 21.32 -6.10 29.36
CA PRO D 93 21.33 -6.97 30.54
C PRO D 93 22.62 -7.79 30.51
N PRO D 94 23.17 -8.12 31.68
CA PRO D 94 24.43 -8.86 31.77
C PRO D 94 24.51 -10.05 30.81
N GLU D 95 23.44 -10.83 30.69
CA GLU D 95 23.50 -12.03 29.86
C GLU D 95 23.58 -11.73 28.37
N PHE D 96 23.29 -10.50 27.97
CA PHE D 96 23.27 -10.15 26.55
C PHE D 96 24.47 -9.31 26.11
N ARG D 97 25.38 -9.04 27.04
CA ARG D 97 26.44 -8.05 26.77
C ARG D 97 27.54 -8.46 25.79
N LYS D 98 27.58 -9.71 25.38
CA LYS D 98 28.60 -10.10 24.44
C LYS D 98 28.03 -10.48 23.09
N LYS D 99 26.70 -10.41 22.95
CA LYS D 99 26.07 -10.53 21.63
C LYS D 99 26.60 -9.41 20.75
N PRO D 100 26.66 -9.63 19.45
CA PRO D 100 27.13 -8.59 18.54
C PRO D 100 26.25 -7.34 18.56
N ILE D 101 26.93 -6.18 18.52
CA ILE D 101 26.32 -4.87 18.41
C ILE D 101 26.96 -4.17 17.22
N LEU D 102 26.15 -3.60 16.32
CA LEU D 102 26.66 -2.78 15.24
C LEU D 102 26.30 -1.33 15.55
N LEU D 103 27.29 -0.46 15.66
CA LEU D 103 27.04 0.95 15.85
C LEU D 103 27.06 1.63 14.48
N VAL D 104 25.93 2.24 14.10
CA VAL D 104 25.83 2.96 12.84
C VAL D 104 25.92 4.46 13.12
N HIS D 105 26.96 5.11 12.59
CA HIS D 105 27.26 6.50 12.93
C HIS D 105 27.73 7.26 11.70
N GLY D 106 27.93 8.56 11.84
CA GLY D 106 28.42 9.36 10.74
C GLY D 106 29.73 10.08 11.01
N ASP D 107 30.43 9.72 12.08
CA ASP D 107 31.64 10.45 12.48
C ASP D 107 32.78 10.31 11.48
N LYS D 108 33.56 11.39 11.34
CA LYS D 108 34.70 11.43 10.45
C LYS D 108 35.97 11.81 11.21
N ARG D 109 37.12 11.48 10.61
CA ARG D 109 38.40 11.95 11.11
C ARG D 109 38.61 11.69 12.59
N GLU D 110 38.83 12.76 13.36
CA GLU D 110 39.20 12.62 14.77
C GLU D 110 38.07 12.07 15.63
N ALA D 111 36.85 12.54 15.35
CA ALA D 111 35.65 12.02 16.00
C ALA D 111 35.47 10.51 15.72
N LYS D 112 35.72 10.10 14.48
CA LYS D 112 35.69 8.69 14.15
C LYS D 112 36.70 7.86 14.96
N ALA D 113 37.94 8.35 15.01
CA ALA D 113 39.01 7.70 15.77
C ALA D 113 38.61 7.55 17.21
N HIS D 114 38.03 8.60 17.78
CA HIS D 114 37.58 8.58 19.16
C HIS D 114 36.49 7.53 19.38
N LEU D 115 35.56 7.42 18.43
CA LEU D 115 34.52 6.40 18.54
C LEU D 115 35.13 5.00 18.49
N HIS D 116 36.08 4.78 17.58
CA HIS D 116 36.73 3.48 17.46
C HIS D 116 37.44 3.13 18.75
N ALA D 117 38.17 4.10 19.29
CA ALA D 117 38.85 3.90 20.56
C ALA D 117 37.87 3.50 21.68
N GLN D 118 36.67 4.10 21.67
CA GLN D 118 35.65 3.80 22.67
C GLN D 118 35.19 2.34 22.56
N ALA D 119 35.07 1.84 21.34
CA ALA D 119 34.52 0.50 21.11
C ALA D 119 35.58 -0.56 21.19
N LYS D 120 36.86 -0.16 21.07
CA LYS D 120 37.96 -1.12 20.97
C LYS D 120 37.99 -2.22 22.04
N PRO D 121 37.79 -1.86 23.31
CA PRO D 121 37.78 -2.84 24.41
C PRO D 121 36.74 -3.95 24.24
N TYR D 122 35.73 -3.73 23.42
CA TYR D 122 34.59 -4.64 23.32
C TYR D 122 34.61 -5.37 21.96
N GLU D 123 35.06 -6.62 21.99
CA GLU D 123 35.24 -7.37 20.76
C GLU D 123 33.93 -7.68 20.00
N ASN D 124 32.80 -7.66 20.70
CA ASN D 124 31.52 -7.93 20.04
C ASN D 124 30.93 -6.69 19.32
N ILE D 125 31.60 -5.56 19.38
CA ILE D 125 31.06 -4.35 18.77
C ILE D 125 31.74 -4.04 17.46
N SER D 126 30.94 -3.92 16.39
CA SER D 126 31.43 -3.46 15.09
C SER D 126 30.88 -2.09 14.82
N LEU D 127 31.49 -1.40 13.85
CA LEU D 127 31.10 -0.05 13.46
C LEU D 127 30.80 0.11 11.97
N CYS D 128 29.80 0.93 11.66
CA CYS D 128 29.43 1.23 10.29
C CYS D 128 29.30 2.74 10.15
N GLN D 129 30.21 3.33 9.38
CA GLN D 129 30.26 4.77 9.16
C GLN D 129 29.32 5.07 8.02
N ALA D 130 28.20 5.73 8.30
CA ALA D 130 27.28 6.15 7.25
C ALA D 130 27.98 7.22 6.41
N LYS D 131 27.87 7.12 5.09
CA LYS D 131 28.51 8.10 4.22
C LYS D 131 27.72 9.42 4.19
N LEU D 132 28.44 10.52 4.36
CA LEU D 132 27.85 11.84 4.39
C LEU D 132 28.54 12.70 3.34
N ASP D 133 28.15 12.54 2.09
CA ASP D 133 28.89 13.18 1.00
C ASP D 133 28.39 14.57 0.66
N ILE D 134 27.60 15.14 1.55
CA ILE D 134 27.18 16.53 1.40
C ILE D 134 27.50 17.24 2.69
N ALA D 135 28.16 18.39 2.59
CA ALA D 135 28.63 19.14 3.75
C ALA D 135 27.50 19.56 4.69
N PHE D 136 27.80 19.56 5.98
CA PHE D 136 26.85 19.96 7.01
C PHE D 136 25.74 18.94 7.23
N GLY D 137 25.92 17.75 6.67
CA GLY D 137 25.05 16.64 7.01
C GLY D 137 25.49 15.89 8.26
N THR D 138 24.55 15.21 8.89
CA THR D 138 24.89 14.35 10.00
C THR D 138 24.13 13.05 9.86
N HIS D 139 24.61 11.99 10.50
CA HIS D 139 23.81 10.79 10.61
C HIS D 139 22.99 10.92 11.89
N HIS D 140 21.75 11.38 11.77
CA HIS D 140 20.98 11.80 12.93
C HIS D 140 19.91 10.78 13.39
N THR D 141 19.53 9.87 12.50
CA THR D 141 18.62 8.77 12.78
C THR D 141 18.90 8.05 14.10
N LYS D 142 17.87 7.84 14.93
CA LYS D 142 17.95 7.01 16.14
C LYS D 142 17.08 5.77 16.01
N MET D 143 17.72 4.61 15.96
CA MET D 143 16.97 3.39 15.72
C MET D 143 17.75 2.21 16.24
N MET D 144 17.00 1.25 16.83
CA MET D 144 17.55 -0.01 17.28
C MET D 144 16.95 -1.11 16.43
N LEU D 145 17.77 -1.94 15.81
CA LEU D 145 17.22 -3.14 15.22
C LEU D 145 17.64 -4.25 16.20
N LEU D 146 16.66 -5.00 16.67
CA LEU D 146 16.86 -5.98 17.75
C LEU D 146 16.44 -7.34 17.23
N LEU D 147 17.42 -8.22 17.03
CA LEU D 147 17.17 -9.56 16.53
C LEU D 147 17.16 -10.52 17.71
N TYR D 148 16.07 -11.27 17.80
CA TYR D 148 15.80 -12.19 18.89
C TYR D 148 15.71 -13.62 18.36
N GLU D 149 15.79 -14.57 19.28
CA GLU D 149 15.46 -15.95 18.96
C GLU D 149 14.00 -15.99 18.48
N GLU D 150 13.18 -15.09 19.04
CA GLU D 150 11.73 -15.16 18.85
C GLU D 150 11.23 -14.39 17.62
N GLY D 151 12.05 -13.50 17.11
CA GLY D 151 11.63 -12.67 15.99
C GLY D 151 12.52 -11.43 15.89
N LEU D 152 11.99 -10.35 15.33
CA LEU D 152 12.73 -9.11 15.14
C LEU D 152 11.91 -7.98 15.73
N ARG D 153 12.56 -7.03 16.39
CA ARG D 153 11.87 -5.83 16.78
C ARG D 153 12.57 -4.58 16.22
N VAL D 154 11.78 -3.57 15.85
CA VAL D 154 12.37 -2.29 15.39
C VAL D 154 11.96 -1.17 16.34
N VAL D 155 12.94 -0.37 16.79
CA VAL D 155 12.69 0.74 17.70
C VAL D 155 13.18 2.05 17.08
N ILE D 156 12.26 2.97 16.83
CA ILE D 156 12.59 4.29 16.30
C ILE D 156 12.28 5.34 17.36
N HIS D 157 13.28 6.14 17.71
CA HIS D 157 13.20 7.02 18.88
C HIS D 157 14.01 8.32 18.66
N THR D 158 14.23 9.09 19.72
CA THR D 158 14.84 10.41 19.56
C THR D 158 16.04 10.66 20.45
N SER D 159 16.47 9.65 21.20
CA SER D 159 17.59 9.81 22.16
C SER D 159 18.93 9.33 21.63
N ASN D 160 19.96 10.15 21.83
CA ASN D 160 21.34 9.71 21.69
C ASN D 160 21.67 8.64 22.73
N LEU D 161 22.71 7.87 22.46
CA LEU D 161 23.06 6.80 23.37
C LEU D 161 24.13 7.34 24.32
N ILE D 162 23.72 8.34 25.11
CA ILE D 162 24.51 8.84 26.23
C ILE D 162 23.57 8.95 27.46
N HIS D 163 24.17 9.00 28.65
CA HIS D 163 23.41 9.01 29.88
C HIS D 163 22.45 10.18 29.95
N ALA D 164 22.93 11.38 29.65
CA ALA D 164 22.10 12.57 29.81
C ALA D 164 20.80 12.52 29.01
N ASP D 165 20.84 11.93 27.84
CA ASP D 165 19.65 11.90 26.98
C ASP D 165 18.52 11.02 27.55
N TRP D 166 18.85 10.10 28.46
CA TRP D 166 17.84 9.18 28.98
C TRP D 166 17.61 9.42 30.47
N HIS D 167 18.13 10.53 30.96
CA HIS D 167 18.09 10.82 32.37
C HIS D 167 16.93 11.79 32.69
N GLN D 168 17.02 13.03 32.23
CA GLN D 168 15.97 13.99 32.57
C GLN D 168 15.36 14.78 31.39
N LYS D 169 15.33 14.15 30.21
CA LYS D 169 14.75 14.78 29.04
C LYS D 169 13.37 14.20 28.64
N THR D 170 12.55 14.99 27.94
CA THR D 170 11.40 14.42 27.26
C THR D 170 11.86 13.88 25.91
N GLN D 171 11.76 12.56 25.74
CA GLN D 171 12.18 11.82 24.54
C GLN D 171 11.03 10.90 24.09
N GLY D 172 10.93 10.61 22.80
CA GLY D 172 9.88 9.76 22.27
C GLY D 172 10.40 8.42 21.76
N ILE D 173 9.58 7.37 21.88
CA ILE D 173 9.94 6.04 21.41
C ILE D 173 8.77 5.42 20.64
N TRP D 174 9.05 4.85 19.48
CA TRP D 174 8.04 4.01 18.85
C TRP D 174 8.53 2.55 18.91
N LEU D 175 7.68 1.67 19.44
CA LEU D 175 8.03 0.25 19.60
C LEU D 175 7.26 -0.60 18.61
N SER D 176 7.96 -1.21 17.66
CA SER D 176 7.30 -2.15 16.75
C SER D 176 6.80 -3.38 17.50
N PRO D 177 5.88 -4.11 16.87
CA PRO D 177 5.48 -5.43 17.37
C PRO D 177 6.68 -6.32 17.25
N LEU D 178 6.67 -7.41 18.01
CA LEU D 178 7.59 -8.52 17.77
C LEU D 178 7.25 -9.12 16.40
N TYR D 179 8.16 -9.04 15.46
CA TYR D 179 7.90 -9.56 14.13
C TYR D 179 8.38 -11.02 14.04
N PRO D 180 7.46 -11.93 13.71
CA PRO D 180 7.84 -13.33 13.59
C PRO D 180 8.59 -13.57 12.31
N ARG D 181 9.46 -14.56 12.37
CA ARG D 181 10.14 -15.10 11.21
C ARG D 181 9.13 -15.69 10.23
N ILE D 182 9.35 -15.51 8.92
CA ILE D 182 8.44 -16.08 7.94
C ILE D 182 8.72 -17.58 7.74
N ALA D 183 7.64 -18.36 7.79
CA ALA D 183 7.67 -19.82 7.64
C ALA D 183 8.56 -20.32 6.48
N ASP D 184 9.20 -21.46 6.69
CA ASP D 184 10.09 -22.06 5.68
C ASP D 184 9.35 -22.38 4.37
N GLY D 185 9.95 -21.99 3.25
CA GLY D 185 9.32 -22.13 1.95
C GLY D 185 7.88 -21.63 1.87
N THR D 186 7.51 -20.69 2.73
CA THR D 186 6.21 -20.02 2.59
C THR D 186 6.40 -18.87 1.61
N HIS D 187 5.37 -18.59 0.82
CA HIS D 187 5.44 -17.48 -0.13
C HIS D 187 4.62 -16.29 0.36
N LYS D 188 5.20 -15.52 1.28
CA LYS D 188 4.56 -14.34 1.86
C LYS D 188 5.54 -13.17 1.76
N SER D 189 5.00 -11.99 1.50
CA SER D 189 5.80 -10.78 1.42
C SER D 189 6.23 -10.39 2.83
N GLY D 190 5.36 -10.67 3.80
CA GLY D 190 5.51 -10.11 5.12
C GLY D 190 5.32 -8.59 5.14
N GLU D 191 4.66 -8.07 4.10
CA GLU D 191 4.54 -6.61 3.95
C GLU D 191 3.28 -6.08 4.62
N SER D 192 3.29 -4.79 4.97
CA SER D 192 2.17 -4.15 5.65
C SER D 192 1.42 -3.26 4.67
N PRO D 193 0.16 -2.95 4.95
CA PRO D 193 -0.57 -2.00 4.10
C PRO D 193 0.09 -0.62 4.08
N THR D 194 0.96 -0.32 5.05
CA THR D 194 1.68 0.96 5.02
C THR D 194 3.05 0.84 4.33
N HIS D 195 3.37 -0.35 3.86
CA HIS D 195 4.60 -0.60 3.11
C HIS D 195 5.85 -0.43 3.97
N PHE D 196 5.68 -0.57 5.28
CA PHE D 196 6.77 -0.29 6.19
C PHE D 196 7.99 -1.12 5.83
N LYS D 197 7.76 -2.35 5.41
CA LYS D 197 8.89 -3.27 5.26
C LYS D 197 9.74 -2.88 4.07
N ALA D 198 9.09 -2.64 2.93
CA ALA D 198 9.80 -2.18 1.74
C ALA D 198 10.48 -0.82 2.01
N ASN D 199 9.78 0.08 2.73
CA ASN D 199 10.28 1.43 3.00
C ASN D 199 11.49 1.43 3.93
N LEU D 200 11.51 0.51 4.89
CA LEU D 200 12.63 0.40 5.79
C LEU D 200 13.80 -0.20 5.02
N ILE D 201 13.51 -1.21 4.21
CA ILE D 201 14.54 -1.83 3.40
C ILE D 201 15.19 -0.78 2.48
N SER D 202 14.37 0.09 1.87
CA SER D 202 14.85 1.21 1.06
C SER D 202 15.74 2.21 1.80
N TYR D 203 15.28 2.61 2.98
CA TYR D 203 16.07 3.50 3.82
C TYR D 203 17.47 2.89 4.04
N LEU D 204 17.52 1.60 4.39
CA LEU D 204 18.77 0.95 4.72
C LEU D 204 19.64 0.74 3.49
N THR D 205 18.99 0.53 2.35
CA THR D 205 19.69 0.31 1.10
C THR D 205 20.43 1.56 0.65
N ALA D 206 19.89 2.71 1.01
CA ALA D 206 20.53 3.98 0.70
C ALA D 206 21.91 4.15 1.38
N TYR D 207 22.20 3.36 2.42
CA TYR D 207 23.52 3.50 3.04
C TYR D 207 24.58 2.87 2.14
N ASN D 208 24.21 1.82 1.41
CA ASN D 208 25.19 1.18 0.54
C ASN D 208 26.32 0.57 1.35
N ALA D 209 25.95 0.00 2.50
CA ALA D 209 26.94 -0.49 3.44
C ALA D 209 26.79 -2.00 3.61
N PRO D 210 27.91 -2.70 3.53
CA PRO D 210 27.91 -4.17 3.64
C PRO D 210 27.24 -4.64 4.91
N SER D 211 27.61 -4.06 6.06
CA SER D 211 27.02 -4.48 7.34
C SER D 211 25.50 -4.28 7.40
N LEU D 212 24.98 -3.33 6.64
CA LEU D 212 23.55 -3.11 6.66
C LEU D 212 22.84 -4.10 5.75
N LYS D 213 23.57 -4.68 4.80
CA LYS D 213 22.95 -5.66 3.92
C LYS D 213 22.54 -6.88 4.71
N GLU D 214 23.37 -7.30 5.65
CA GLU D 214 22.98 -8.40 6.52
C GLU D 214 21.67 -8.08 7.26
N TRP D 215 21.48 -6.84 7.69
CA TRP D 215 20.26 -6.50 8.41
C TRP D 215 19.05 -6.44 7.47
N ILE D 216 19.29 -6.02 6.23
CA ILE D 216 18.26 -6.05 5.19
C ILE D 216 17.83 -7.49 4.95
N ASP D 217 18.78 -8.41 4.88
CA ASP D 217 18.43 -9.81 4.67
C ASP D 217 17.66 -10.33 5.92
N VAL D 218 18.02 -9.87 7.09
CA VAL D 218 17.24 -10.21 8.26
C VAL D 218 15.81 -9.70 8.14
N ILE D 219 15.63 -8.45 7.73
CA ILE D 219 14.27 -7.93 7.59
C ILE D 219 13.47 -8.69 6.51
N HIS D 220 14.13 -9.10 5.43
CA HIS D 220 13.44 -9.84 4.35
C HIS D 220 12.80 -11.11 4.88
N LYS D 221 13.51 -11.79 5.78
CA LYS D 221 13.04 -13.05 6.37
C LYS D 221 11.94 -12.90 7.44
N HIS D 222 11.63 -11.67 7.85
CA HIS D 222 10.62 -11.52 8.88
C HIS D 222 9.30 -10.99 8.34
N ASP D 223 8.23 -11.23 9.10
CA ASP D 223 6.89 -10.78 8.75
C ASP D 223 6.55 -9.49 9.50
N LEU D 224 6.45 -8.38 8.76
CA LEU D 224 6.17 -7.06 9.36
C LEU D 224 4.75 -6.56 9.05
N SER D 225 3.86 -7.47 8.63
CA SER D 225 2.54 -7.09 8.13
C SER D 225 1.66 -6.41 9.15
N GLU D 226 1.96 -6.57 10.43
CA GLU D 226 1.10 -5.94 11.45
C GLU D 226 1.45 -4.47 11.70
N THR D 227 2.53 -3.98 11.11
CA THR D 227 2.94 -2.60 11.27
C THR D 227 1.85 -1.66 10.81
N ASN D 228 1.47 -0.71 11.66
CA ASN D 228 0.39 0.20 11.31
C ASN D 228 0.84 1.67 11.19
N VAL D 229 2.15 1.91 11.10
CA VAL D 229 2.63 3.29 10.93
C VAL D 229 3.37 3.43 9.61
N TYR D 230 3.54 4.67 9.15
CA TYR D 230 4.30 4.90 7.92
C TYR D 230 5.71 5.37 8.23
N LEU D 231 6.68 4.84 7.51
CA LEU D 231 8.07 5.28 7.71
C LEU D 231 8.37 6.59 6.96
N ILE D 232 8.93 7.57 7.67
CA ILE D 232 9.41 8.79 7.01
C ILE D 232 10.91 8.97 7.22
N GLY D 233 11.68 8.75 6.18
CA GLY D 233 13.12 8.84 6.30
C GLY D 233 13.64 10.05 5.53
N SER D 234 14.79 10.54 5.97
CA SER D 234 15.63 11.37 5.15
C SER D 234 16.91 10.62 5.01
N THR D 235 17.51 10.77 3.83
CA THR D 235 18.80 10.22 3.53
C THR D 235 19.51 11.27 2.64
N PRO D 236 20.83 11.42 2.77
CA PRO D 236 21.55 12.46 2.02
C PRO D 236 21.48 12.28 0.51
N GLY D 237 21.18 13.36 -0.20
CA GLY D 237 21.25 13.33 -1.65
C GLY D 237 20.45 14.42 -2.33
N ARG D 238 20.32 14.24 -3.64
CA ARG D 238 19.62 15.18 -4.49
C ARG D 238 18.60 14.37 -5.25
N PHE D 239 17.32 14.67 -5.04
CA PHE D 239 16.28 13.78 -5.54
C PHE D 239 15.33 14.42 -6.55
N GLN D 240 15.26 13.80 -7.72
CA GLN D 240 14.48 14.32 -8.86
C GLN D 240 13.47 13.27 -9.31
N GLY D 241 12.51 13.70 -10.11
CA GLY D 241 11.60 12.76 -10.76
C GLY D 241 10.85 11.90 -9.77
N SER D 242 10.88 10.59 -9.98
CA SER D 242 10.12 9.66 -9.14
C SER D 242 10.69 9.58 -7.73
N GLN D 243 11.98 9.87 -7.62
CA GLN D 243 12.68 9.82 -6.35
C GLN D 243 12.38 11.02 -5.46
N LYS D 244 11.79 12.08 -6.02
CA LYS D 244 11.52 13.29 -5.25
C LYS D 244 10.62 13.03 -4.06
N ASP D 245 9.74 12.04 -4.21
CA ASP D 245 8.74 11.69 -3.20
C ASP D 245 9.25 10.76 -2.11
N ASN D 246 10.48 10.28 -2.25
CA ASN D 246 10.93 9.19 -1.38
C ASN D 246 11.31 9.64 0.03
N TRP D 247 11.75 10.89 0.19
CA TRP D 247 12.40 11.35 1.42
C TRP D 247 11.98 12.76 1.90
N GLY D 248 12.30 13.08 3.16
CA GLY D 248 12.14 14.42 3.69
C GLY D 248 10.72 14.90 3.66
N HIS D 249 10.52 16.20 3.54
CA HIS D 249 9.15 16.76 3.62
C HIS D 249 8.26 16.36 2.45
N PHE D 250 8.85 16.09 1.29
CA PHE D 250 8.08 15.58 0.15
C PHE D 250 7.50 14.18 0.37
N ARG D 251 8.26 13.34 1.09
CA ARG D 251 7.74 12.06 1.51
C ARG D 251 6.50 12.27 2.38
N LEU D 252 6.63 13.17 3.35
CA LEU D 252 5.49 13.50 4.21
C LEU D 252 4.30 13.96 3.34
N LYS D 253 4.56 14.86 2.40
CA LYS D 253 3.49 15.41 1.56
C LYS D 253 2.75 14.29 0.84
N LYS D 254 3.53 13.40 0.23
CA LYS D 254 3.01 12.31 -0.58
C LYS D 254 2.06 11.43 0.21
N LEU D 255 2.47 11.08 1.42
CA LEU D 255 1.65 10.25 2.32
C LEU D 255 0.39 10.95 2.74
N LEU D 256 0.47 12.25 2.94
CA LEU D 256 -0.72 13.02 3.33
C LEU D 256 -1.66 13.20 2.13
N LYS D 257 -1.09 13.46 0.96
CA LYS D 257 -1.83 13.46 -0.29
C LYS D 257 -2.65 12.16 -0.38
N ASP D 258 -1.97 11.03 -0.22
CA ASP D 258 -2.53 9.72 -0.51
C ASP D 258 -3.37 9.09 0.59
N HIS D 259 -3.10 9.41 1.85
CA HIS D 259 -3.68 8.63 2.95
C HIS D 259 -4.36 9.43 4.05
N ALA D 260 -4.56 10.71 3.80
CA ALA D 260 -5.34 11.57 4.67
C ALA D 260 -6.37 12.27 3.78
N SER D 261 -7.50 12.66 4.38
CA SER D 261 -8.55 13.31 3.62
C SER D 261 -8.66 14.74 4.12
N SER D 262 -9.05 15.64 3.21
CA SER D 262 -9.35 17.02 3.62
C SER D 262 -10.71 17.04 4.28
N MET D 263 -10.91 18.04 5.14
CA MET D 263 -12.20 18.26 5.77
C MET D 263 -12.56 19.73 5.53
N PRO D 264 -13.84 20.07 5.67
CA PRO D 264 -14.25 21.46 5.59
C PRO D 264 -13.52 22.28 6.67
N ASN D 265 -13.11 23.49 6.29
CA ASN D 265 -12.39 24.39 7.20
C ASN D 265 -11.02 23.85 7.59
N ALA D 266 -10.45 23.03 6.70
CA ALA D 266 -9.06 22.56 6.81
C ALA D 266 -8.10 23.74 6.99
N GLU D 267 -8.40 24.83 6.30
CA GLU D 267 -7.62 26.08 6.37
C GLU D 267 -7.44 26.53 7.81
N SER D 268 -8.28 26.04 8.71
CA SER D 268 -8.14 26.46 10.09
C SER D 268 -7.65 25.36 11.03
N TRP D 269 -7.32 24.18 10.50
CA TRP D 269 -6.59 23.18 11.31
C TRP D 269 -5.13 23.60 11.36
N PRO D 270 -4.63 23.98 12.54
CA PRO D 270 -3.25 24.43 12.68
C PRO D 270 -2.24 23.34 12.37
N VAL D 271 -0.99 23.76 12.20
CA VAL D 271 0.16 22.86 12.14
C VAL D 271 1.03 23.10 13.37
N VAL D 272 1.59 22.04 13.93
CA VAL D 272 2.48 22.18 15.06
C VAL D 272 3.78 21.46 14.80
N GLY D 273 4.89 22.15 15.04
CA GLY D 273 6.20 21.55 14.95
C GLY D 273 6.91 21.82 16.25
N GLN D 274 7.62 20.81 16.75
CA GLN D 274 8.22 20.84 18.09
C GLN D 274 9.56 20.14 17.95
N PHE D 275 10.63 20.83 18.33
CA PHE D 275 11.99 20.38 18.01
C PHE D 275 12.98 20.90 19.02
N SER D 276 14.25 20.57 18.81
CA SER D 276 15.27 20.87 19.80
C SER D 276 16.50 21.44 19.15
N SER D 277 16.48 21.59 17.84
CA SER D 277 17.56 22.26 17.12
C SER D 277 16.96 23.02 15.96
N VAL D 278 17.58 24.14 15.57
CA VAL D 278 17.02 25.03 14.54
C VAL D 278 18.08 25.40 13.48
N GLY D 279 17.80 25.11 12.20
CA GLY D 279 18.76 25.40 11.15
C GLY D 279 18.62 26.84 10.69
N SER D 280 19.42 27.31 9.72
CA SER D 280 19.11 28.63 9.15
C SER D 280 18.10 28.49 8.02
N LEU D 281 16.98 29.15 8.18
CA LEU D 281 15.82 28.94 7.34
C LEU D 281 15.69 30.06 6.32
N GLY D 282 16.59 31.04 6.40
CA GLY D 282 16.61 32.09 5.41
C GLY D 282 16.16 33.42 5.96
N ALA D 283 16.29 34.46 5.13
CA ALA D 283 16.09 35.83 5.60
C ALA D 283 14.63 36.20 5.92
N ASP D 284 13.68 35.40 5.47
CA ASP D 284 12.28 35.57 5.90
C ASP D 284 11.49 34.27 5.75
N GLU D 285 10.25 34.28 6.23
CA GLU D 285 9.46 33.06 6.23
C GLU D 285 9.08 32.52 4.88
N SER D 286 9.14 33.35 3.84
CA SER D 286 8.76 32.90 2.48
C SER D 286 9.85 32.10 1.77
N LYS D 287 11.04 32.03 2.34
CA LYS D 287 12.13 31.32 1.69
C LYS D 287 12.05 29.80 1.79
N TRP D 288 11.49 29.30 2.88
CA TRP D 288 11.45 27.86 3.12
C TRP D 288 10.36 27.49 4.10
N LEU D 289 10.40 28.08 5.29
CA LEU D 289 9.41 27.75 6.31
C LEU D 289 7.96 27.78 5.82
N CYS D 290 7.55 28.91 5.28
CA CYS D 290 6.14 29.07 4.96
C CYS D 290 5.85 28.85 3.50
N SER D 291 6.87 28.52 2.71
CA SER D 291 6.65 28.17 1.32
C SER D 291 6.70 26.64 1.11
N GLU D 292 7.87 26.03 1.15
CA GLU D 292 7.90 24.59 0.91
C GLU D 292 7.61 23.68 2.11
N PHE D 293 8.12 24.01 3.30
CA PHE D 293 7.91 23.16 4.47
C PHE D 293 6.46 23.10 4.98
N LYS D 294 5.86 24.27 5.20
CA LYS D 294 4.45 24.35 5.59
C LYS D 294 3.50 23.83 4.50
N GLU D 295 3.83 24.11 3.24
CA GLU D 295 3.01 23.60 2.15
C GLU D 295 2.96 22.07 2.17
N SER D 296 4.08 21.43 2.51
CA SER D 296 4.08 19.97 2.69
C SER D 296 3.24 19.54 3.92
N MET D 297 3.47 20.16 5.06
CA MET D 297 2.74 19.78 6.28
C MET D 297 1.25 20.13 6.32
N LEU D 298 0.79 21.05 5.48
CA LEU D 298 -0.62 21.36 5.50
C LEU D 298 -1.39 20.61 4.39
N THR D 299 -0.71 19.74 3.68
CA THR D 299 -1.33 18.86 2.71
C THR D 299 -2.31 17.86 3.34
N LEU D 300 -3.48 17.73 2.74
CA LEU D 300 -4.50 16.74 3.13
C LEU D 300 -5.35 16.36 1.92
N GLY D 301 -5.08 15.20 1.32
CA GLY D 301 -5.87 14.75 0.17
C GLY D 301 -5.27 15.15 -1.16
N SER D 311 -2.73 30.81 5.23
CA SER D 311 -3.65 31.21 6.29
C SER D 311 -3.69 30.23 7.47
N VAL D 312 -3.12 29.04 7.29
CA VAL D 312 -3.07 28.06 8.36
C VAL D 312 -2.14 28.55 9.48
N PRO D 313 -2.62 28.53 10.73
CA PRO D 313 -1.80 28.94 11.87
C PRO D 313 -0.63 27.96 12.01
N LEU D 314 0.57 28.47 12.24
CA LEU D 314 1.73 27.62 12.49
C LEU D 314 2.25 27.86 13.91
N TYR D 315 2.30 26.80 14.71
CA TYR D 315 2.82 26.86 16.06
C TYR D 315 4.16 26.13 16.08
N LEU D 316 5.22 26.79 16.54
CA LEU D 316 6.49 26.12 16.77
C LEU D 316 6.83 26.15 18.25
N ILE D 317 7.16 24.97 18.78
CA ILE D 317 7.46 24.80 20.19
C ILE D 317 8.96 24.58 20.37
N TYR D 318 9.59 25.43 21.16
CA TYR D 318 11.04 25.36 21.35
C TYR D 318 11.35 26.06 22.69
N PRO D 319 12.14 25.43 23.55
CA PRO D 319 12.36 25.99 24.90
C PRO D 319 12.89 27.42 24.96
N SER D 320 12.20 28.23 25.76
CA SER D 320 12.72 29.54 26.15
C SER D 320 13.89 29.34 27.11
N VAL D 321 14.63 30.42 27.33
CA VAL D 321 15.72 30.45 28.29
C VAL D 321 15.21 30.12 29.71
N GLU D 322 14.02 30.62 30.01
CA GLU D 322 13.40 30.40 31.31
C GLU D 322 12.92 28.92 31.44
N ASN D 323 12.47 28.30 30.33
CA ASN D 323 12.23 26.85 30.34
C ASN D 323 13.50 26.10 30.77
N VAL D 324 14.62 26.50 30.20
CA VAL D 324 15.89 25.83 30.44
C VAL D 324 16.41 26.11 31.85
N ARG D 325 16.45 27.38 32.21
CA ARG D 325 16.88 27.77 33.56
C ARG D 325 16.12 27.03 34.66
N THR D 326 14.79 26.95 34.56
CA THR D 326 14.03 26.34 35.65
C THR D 326 13.88 24.83 35.50
N SER D 327 14.65 24.20 34.64
CA SER D 327 14.45 22.80 34.32
C SER D 327 15.13 21.87 35.32
N LEU D 328 14.78 20.59 35.28
CA LEU D 328 15.42 19.59 36.14
C LEU D 328 16.94 19.67 36.10
N GLU D 329 17.51 19.93 34.91
CA GLU D 329 18.96 19.89 34.69
C GLU D 329 19.56 21.27 34.80
N GLY D 330 18.71 22.27 34.74
CA GLY D 330 19.16 23.65 34.69
C GLY D 330 19.81 23.96 33.35
N TYR D 331 20.69 24.96 33.36
CA TYR D 331 21.31 25.45 32.13
C TYR D 331 21.99 24.39 31.25
N PRO D 332 22.61 23.35 31.83
CA PRO D 332 23.24 22.28 31.03
C PRO D 332 22.27 21.57 30.08
N ALA D 333 20.98 21.57 30.42
CA ALA D 333 19.99 21.08 29.47
C ALA D 333 20.23 21.79 28.13
N GLY D 334 20.80 23.01 28.20
CA GLY D 334 21.05 23.79 26.99
C GLY D 334 22.13 23.24 26.07
N GLY D 335 22.95 22.32 26.59
CA GLY D 335 23.95 21.65 25.78
C GLY D 335 23.31 20.80 24.68
N SER D 336 22.05 20.41 24.84
CA SER D 336 21.33 19.58 23.86
C SER D 336 20.27 20.37 23.14
N LEU D 337 20.39 21.70 23.19
CA LEU D 337 19.54 22.62 22.43
C LEU D 337 20.44 23.59 21.68
N PRO D 338 21.13 23.10 20.66
CA PRO D 338 22.27 23.81 20.08
C PRO D 338 21.94 24.92 19.07
N TYR D 339 21.01 25.81 19.40
CA TYR D 339 20.69 26.99 18.58
C TYR D 339 21.74 28.09 18.80
N SER D 340 22.51 28.42 17.77
CA SER D 340 23.65 29.34 17.93
C SER D 340 23.21 30.76 17.64
N ILE D 341 23.83 31.75 18.30
CA ILE D 341 23.50 33.15 18.03
C ILE D 341 23.76 33.55 16.56
N GLN D 342 24.81 33.00 15.96
CA GLN D 342 25.11 33.25 14.56
C GLN D 342 23.92 32.90 13.67
N THR D 343 23.25 31.79 13.97
CA THR D 343 22.08 31.42 13.19
C THR D 343 20.91 32.31 13.54
N ALA D 344 20.66 32.45 14.84
CA ALA D 344 19.52 33.18 15.36
C ALA D 344 19.50 34.67 14.95
N GLU D 345 20.66 35.33 14.94
CA GLU D 345 20.65 36.75 14.64
C GLU D 345 20.23 37.05 13.19
N LYS D 346 20.43 36.09 12.29
CA LYS D 346 19.99 36.26 10.91
C LYS D 346 18.51 36.01 10.68
N GLN D 347 17.76 35.61 11.70
CA GLN D 347 16.37 35.17 11.45
C GLN D 347 15.42 35.45 12.61
N ASN D 348 15.54 36.65 13.17
CA ASN D 348 14.63 37.09 14.21
C ASN D 348 13.16 36.91 13.88
N TRP D 349 12.80 37.07 12.60
CA TRP D 349 11.42 36.90 12.17
C TRP D 349 10.80 35.57 12.69
N LEU D 350 11.64 34.54 12.84
CA LEU D 350 11.15 33.20 13.16
C LEU D 350 10.61 33.13 14.59
N HIS D 351 11.14 33.97 15.45
CA HIS D 351 10.93 33.83 16.88
C HIS D 351 9.53 34.22 17.34
N SER D 352 8.83 35.00 16.53
CA SER D 352 7.43 35.29 16.82
C SER D 352 6.51 34.08 16.55
N TYR D 353 7.09 33.01 15.99
CA TYR D 353 6.37 31.74 15.82
C TYR D 353 6.56 30.83 17.03
N PHE D 354 7.47 31.21 17.92
CA PHE D 354 7.91 30.30 18.96
C PHE D 354 6.93 30.20 20.15
N HIS D 355 6.77 28.99 20.67
CA HIS D 355 5.95 28.77 21.86
C HIS D 355 6.75 27.95 22.86
N LYS D 356 6.47 28.22 24.14
CA LYS D 356 7.12 27.65 25.29
C LYS D 356 6.91 26.15 25.36
N TRP D 357 7.86 25.47 26.01
CA TRP D 357 7.71 24.07 26.33
C TRP D 357 6.82 23.95 27.56
N SER D 358 5.75 23.18 27.42
CA SER D 358 4.87 22.91 28.54
C SER D 358 4.29 21.49 28.44
N ALA D 359 4.31 20.75 29.54
CA ALA D 359 3.93 19.36 29.47
C ALA D 359 3.38 18.88 30.81
N GLU D 360 2.48 19.64 31.40
CA GLU D 360 1.72 19.18 32.56
C GLU D 360 1.05 17.83 32.28
N THR D 361 0.50 17.67 31.07
CA THR D 361 -0.19 16.43 30.71
C THR D 361 0.66 15.20 30.99
N SER D 362 1.97 15.34 30.96
CA SER D 362 2.86 14.20 31.22
C SER D 362 3.85 14.44 32.37
N GLY D 363 3.63 15.48 33.15
CA GLY D 363 4.48 15.78 34.30
C GLY D 363 5.89 16.15 33.90
N ARG D 364 6.04 16.65 32.68
CA ARG D 364 7.37 16.85 32.07
C ARG D 364 7.71 18.28 31.63
N SER D 365 7.02 19.25 32.20
CA SER D 365 7.31 20.68 31.93
C SER D 365 8.75 21.05 32.25
N ASN D 366 9.37 20.37 33.23
CA ASN D 366 10.78 20.61 33.58
C ASN D 366 11.75 19.62 32.98
N ALA D 367 11.27 18.71 32.15
CA ALA D 367 12.18 17.82 31.44
C ALA D 367 12.36 18.31 30.02
N MET D 368 13.46 18.99 29.74
CA MET D 368 13.63 19.67 28.45
C MET D 368 13.47 18.67 27.28
N PRO D 369 12.79 19.10 26.23
CA PRO D 369 12.50 18.24 25.08
C PRO D 369 13.70 17.93 24.20
N HIS D 370 13.93 16.65 23.96
CA HIS D 370 14.84 16.28 22.92
C HIS D 370 14.04 15.49 21.88
N ILE D 371 12.78 15.23 22.20
CA ILE D 371 11.86 14.62 21.25
C ILE D 371 11.59 15.64 20.13
N LYS D 372 11.24 15.17 18.94
CA LYS D 372 10.76 16.03 17.87
C LYS D 372 9.45 15.45 17.37
N THR D 373 8.45 16.30 17.15
CA THR D 373 7.14 15.86 16.69
C THR D 373 6.53 16.95 15.85
N TYR D 374 5.67 16.53 14.93
CA TYR D 374 4.92 17.42 14.11
C TYR D 374 3.51 16.84 14.06
N MET D 375 2.50 17.69 13.97
CA MET D 375 1.12 17.20 13.97
C MET D 375 0.15 18.24 13.41
N ARG D 376 -1.08 17.80 13.14
CA ARG D 376 -2.13 18.63 12.56
C ARG D 376 -3.42 18.61 13.40
N PRO D 377 -3.47 19.43 14.44
CA PRO D 377 -4.64 19.47 15.30
C PRO D 377 -5.80 20.19 14.64
N SER D 378 -7.02 19.87 15.07
CA SER D 378 -8.20 20.65 14.73
C SER D 378 -8.14 22.04 15.41
N PRO D 379 -9.06 22.93 15.09
CA PRO D 379 -9.00 24.29 15.63
C PRO D 379 -9.12 24.38 17.16
N ASP D 380 -9.76 23.41 17.79
CA ASP D 380 -9.85 23.47 19.25
C ASP D 380 -8.87 22.52 19.94
N PHE D 381 -7.97 21.94 19.14
CA PHE D 381 -6.90 21.07 19.62
C PHE D 381 -7.40 19.79 20.29
N SER D 382 -8.67 19.42 20.06
CA SER D 382 -9.26 18.21 20.67
C SER D 382 -9.06 17.00 19.80
N LYS D 383 -8.75 17.23 18.53
CA LYS D 383 -8.37 16.10 17.67
C LYS D 383 -7.20 16.42 16.75
N ILE D 384 -6.59 15.38 16.18
CA ILE D 384 -5.52 15.56 15.21
C ILE D 384 -5.73 14.72 13.94
N ALA D 385 -5.32 15.28 12.81
CA ALA D 385 -5.41 14.55 11.55
C ALA D 385 -4.25 13.56 11.37
N TRP D 386 -3.15 13.77 12.07
CA TRP D 386 -1.99 12.91 12.02
C TRP D 386 -0.96 13.36 13.05
N PHE D 387 -0.02 12.49 13.38
CA PHE D 387 1.01 12.81 14.34
C PHE D 387 2.28 12.17 13.83
N LEU D 388 3.40 12.88 13.93
CA LEU D 388 4.70 12.32 13.54
C LEU D 388 5.72 12.46 14.67
N VAL D 389 6.41 11.36 15.00
CA VAL D 389 7.56 11.46 15.87
C VAL D 389 8.78 11.10 15.05
N THR D 390 9.83 11.89 15.17
CA THR D 390 10.97 11.75 14.28
C THR D 390 12.26 12.28 14.91
N SER D 391 13.39 11.96 14.28
CA SER D 391 14.65 12.57 14.71
C SER D 391 14.82 13.98 14.12
N ALA D 392 14.02 14.33 13.12
CA ALA D 392 14.21 15.57 12.34
C ALA D 392 13.91 16.86 13.10
N ASN D 393 14.94 17.69 13.28
CA ASN D 393 14.71 19.01 13.83
C ASN D 393 14.19 20.00 12.78
N LEU D 394 14.07 21.27 13.15
CA LEU D 394 13.56 22.25 12.23
C LEU D 394 14.73 22.76 11.37
N SER D 395 15.13 21.98 10.37
CA SER D 395 16.25 22.39 9.53
C SER D 395 16.08 21.87 8.11
N LYS D 396 16.63 22.62 7.14
CA LYS D 396 16.68 22.19 5.76
C LYS D 396 17.57 20.96 5.59
N ALA D 397 18.60 20.87 6.40
CA ALA D 397 19.49 19.72 6.35
C ALA D 397 18.71 18.42 6.53
N ALA D 398 17.81 18.42 7.52
CA ALA D 398 17.01 17.26 7.91
C ALA D 398 15.82 17.03 7.01
N TRP D 399 15.13 18.10 6.66
CA TRP D 399 13.89 17.97 5.90
C TRP D 399 14.03 18.09 4.37
N GLY D 400 15.11 18.71 3.91
CA GLY D 400 15.29 18.90 2.49
C GLY D 400 14.91 20.29 2.02
N ALA D 401 15.64 20.79 1.03
CA ALA D 401 15.30 22.07 0.39
C ALA D 401 15.27 21.90 -1.12
N LEU D 402 14.22 22.42 -1.75
CA LEU D 402 14.09 22.37 -3.20
C LEU D 402 15.24 23.11 -3.89
N GLU D 403 15.86 22.46 -4.88
CA GLU D 403 16.87 23.10 -5.76
C GLU D 403 16.42 23.00 -7.21
N LYS D 404 17.21 23.55 -8.13
CA LYS D 404 16.96 23.48 -9.57
C LYS D 404 15.53 23.84 -9.89
N ASN D 405 15.10 25.00 -9.40
CA ASN D 405 13.78 25.53 -9.74
C ASN D 405 12.62 24.58 -9.38
N GLY D 406 12.67 24.00 -8.18
CA GLY D 406 11.60 23.16 -7.66
C GLY D 406 11.49 21.75 -8.22
N THR D 407 12.56 21.25 -8.85
CA THR D 407 12.50 19.92 -9.47
C THR D 407 13.30 18.88 -8.69
N GLN D 408 14.11 19.37 -7.76
CA GLN D 408 15.07 18.53 -7.09
C GLN D 408 15.08 18.83 -5.59
N LEU D 409 14.93 17.78 -4.77
CA LEU D 409 14.98 17.96 -3.34
C LEU D 409 16.38 17.60 -2.83
N MET D 410 17.00 18.52 -2.10
CA MET D 410 18.34 18.27 -1.61
C MET D 410 18.30 18.07 -0.09
N ILE D 411 18.88 16.95 0.36
CA ILE D 411 18.91 16.59 1.78
C ILE D 411 20.33 16.31 2.20
N ARG D 412 20.70 16.73 3.40
CA ARG D 412 22.07 16.59 3.86
C ARG D 412 22.24 15.46 4.88
N SER D 413 21.17 15.15 5.61
CA SER D 413 21.29 14.25 6.77
C SER D 413 20.49 12.95 6.66
N TYR D 414 20.83 11.99 7.51
CA TYR D 414 19.94 10.85 7.80
C TYR D 414 19.03 11.16 8.98
N GLU D 415 17.73 10.90 8.81
CA GLU D 415 16.69 11.13 9.80
C GLU D 415 15.64 10.05 9.60
N LEU D 416 14.88 9.72 10.65
CA LEU D 416 13.87 8.66 10.55
C LEU D 416 12.80 8.94 11.57
N GLY D 417 11.54 8.81 11.16
CA GLY D 417 10.45 8.96 12.07
C GLY D 417 9.29 8.05 11.69
N VAL D 418 8.24 8.03 12.51
CA VAL D 418 7.06 7.25 12.14
C VAL D 418 5.85 8.12 12.19
N LEU D 419 5.01 7.98 11.18
CA LEU D 419 3.82 8.79 11.01
C LEU D 419 2.57 8.00 11.34
N PHE D 420 1.74 8.53 12.24
CA PHE D 420 0.48 7.93 12.64
C PHE D 420 -0.66 8.57 11.87
N LEU D 421 -1.32 7.76 11.06
CA LEU D 421 -2.40 8.25 10.21
C LEU D 421 -3.66 7.50 10.65
N PRO D 422 -4.73 8.24 10.93
CA PRO D 422 -6.01 7.62 11.30
C PRO D 422 -6.42 6.55 10.29
N SER D 423 -6.16 6.81 9.00
CA SER D 423 -6.60 5.90 7.95
C SER D 423 -6.04 4.49 8.18
N ALA D 424 -4.87 4.41 8.83
CA ALA D 424 -4.21 3.12 9.05
C ALA D 424 -4.89 2.34 10.16
N LEU D 425 -5.78 2.99 10.89
CA LEU D 425 -6.62 2.32 11.86
C LEU D 425 -8.06 2.34 11.39
N GLY D 426 -8.30 2.79 10.16
CA GLY D 426 -9.65 2.93 9.66
C GLY D 426 -10.41 4.14 10.23
N LEU D 427 -9.66 5.17 10.66
CA LEU D 427 -10.30 6.34 11.26
C LEU D 427 -10.13 7.58 10.39
N ASP D 428 -10.85 8.64 10.74
CA ASP D 428 -10.71 9.95 10.08
C ASP D 428 -9.78 10.88 10.86
N SER D 429 -9.80 10.76 12.17
CA SER D 429 -8.95 11.57 13.05
C SER D 429 -8.73 10.81 14.34
N PHE D 430 -7.73 11.22 15.11
CA PHE D 430 -7.54 10.70 16.45
C PHE D 430 -8.02 11.76 17.42
N LYS D 431 -8.61 11.32 18.53
CA LYS D 431 -8.95 12.24 19.60
C LYS D 431 -7.68 12.41 20.43
N VAL D 432 -7.44 13.63 20.90
CA VAL D 432 -6.26 13.85 21.70
C VAL D 432 -6.50 13.36 23.11
N LYS D 433 -5.59 12.55 23.64
CA LYS D 433 -5.70 12.13 25.02
C LYS D 433 -5.21 13.27 25.90
N GLN D 434 -6.07 13.71 26.83
CA GLN D 434 -5.83 14.96 27.56
C GLN D 434 -4.88 14.81 28.76
N LYS D 435 -4.83 13.61 29.31
CA LYS D 435 -3.82 13.28 30.31
C LYS D 435 -2.99 12.13 29.76
N PHE D 436 -1.74 12.42 29.40
CA PHE D 436 -0.87 11.44 28.77
C PHE D 436 -0.93 10.05 29.45
N PHE D 437 -0.92 10.06 30.78
CA PHE D 437 -1.07 8.86 31.59
C PHE D 437 -2.48 8.81 32.19
N THR D 446 -7.47 7.17 20.99
CA THR D 446 -7.00 8.47 21.45
C THR D 446 -5.47 8.57 21.55
N PHE D 447 -4.93 9.52 20.80
CA PHE D 447 -3.50 9.68 20.73
C PHE D 447 -2.88 10.41 21.93
N PRO D 448 -1.86 9.80 22.53
CA PRO D 448 -1.17 10.44 23.65
C PRO D 448 -0.20 11.55 23.22
N VAL D 449 -0.72 12.74 22.94
CA VAL D 449 0.12 13.92 22.70
C VAL D 449 0.87 14.20 24.01
N PRO D 450 2.20 14.15 23.96
CA PRO D 450 3.04 14.22 25.18
C PRO D 450 3.18 15.59 25.88
N TYR D 451 2.78 16.67 25.22
CA TYR D 451 2.84 18.02 25.81
C TYR D 451 1.49 18.73 25.73
N ASP D 452 1.39 19.90 26.36
CA ASP D 452 0.10 20.56 26.55
C ASP D 452 -0.37 21.25 25.27
N LEU D 453 -1.69 21.38 25.16
CA LEU D 453 -2.34 22.12 24.09
C LEU D 453 -3.42 23.02 24.71
N PRO D 454 -3.65 24.20 24.11
CA PRO D 454 -2.86 24.65 22.95
C PRO D 454 -1.48 25.10 23.44
N PRO D 455 -0.51 25.24 22.55
CA PRO D 455 0.82 25.72 22.94
C PRO D 455 0.82 27.20 23.38
N GLU D 456 1.66 27.57 24.34
CA GLU D 456 1.69 28.93 24.86
C GLU D 456 2.76 29.80 24.22
N LEU D 457 2.36 30.95 23.70
CA LEU D 457 3.28 31.85 23.03
C LEU D 457 4.33 32.38 24.02
N TYR D 458 5.54 32.68 23.54
CA TYR D 458 6.55 33.31 24.40
C TYR D 458 5.96 34.61 24.97
N GLY D 459 6.34 34.96 26.19
CA GLY D 459 5.99 36.26 26.73
C GLY D 459 6.83 37.32 26.03
N SER D 460 6.54 38.61 26.27
CA SER D 460 7.33 39.68 25.65
C SER D 460 8.71 39.76 26.26
N LYS D 461 8.90 39.07 27.38
CA LYS D 461 10.19 38.98 28.07
C LYS D 461 11.00 37.74 27.64
N ASP D 462 10.30 36.73 27.12
CA ASP D 462 10.93 35.45 26.81
C ASP D 462 11.86 35.51 25.61
N ARG D 463 12.84 34.62 25.62
CA ARG D 463 13.73 34.49 24.48
C ARG D 463 14.00 33.00 24.23
N PRO D 464 14.23 32.65 22.98
CA PRO D 464 14.59 31.28 22.63
C PRO D 464 15.90 30.91 23.31
N TRP D 465 16.02 29.67 23.80
CA TRP D 465 17.31 29.22 24.27
C TRP D 465 18.33 29.32 23.13
N ILE D 466 19.39 30.12 23.34
CA ILE D 466 20.51 30.17 22.41
C ILE D 466 21.74 29.69 23.18
N TRP D 467 22.44 28.69 22.65
CA TRP D 467 23.40 28.01 23.51
C TRP D 467 24.75 28.68 23.75
N ASN D 468 25.20 29.53 22.84
CA ASN D 468 26.55 30.07 22.93
C ASN D 468 26.62 31.57 23.27
N ILE D 469 25.71 32.02 24.12
CA ILE D 469 25.81 33.34 24.74
C ILE D 469 25.56 33.12 26.23
N PRO D 470 25.97 34.09 27.04
CA PRO D 470 25.94 33.92 28.49
C PRO D 470 24.58 34.25 29.11
N TYR D 471 24.24 33.53 30.17
CA TYR D 471 23.08 33.88 30.95
C TYR D 471 23.58 34.03 32.37
N VAL D 472 23.50 35.27 32.88
CA VAL D 472 24.08 35.61 34.17
C VAL D 472 23.11 36.38 35.06
N LYS D 473 21.93 36.71 34.54
CA LYS D 473 20.98 37.49 35.32
C LYS D 473 20.34 36.68 36.44
N ALA D 474 20.05 35.40 36.17
CA ALA D 474 19.42 34.56 37.18
C ALA D 474 19.96 33.13 37.16
N PRO D 475 20.13 32.53 38.33
CA PRO D 475 20.72 31.19 38.43
C PRO D 475 19.73 30.05 38.18
N ASP D 476 20.26 28.88 37.80
CA ASP D 476 19.41 27.74 37.46
C ASP D 476 19.10 26.92 38.69
N THR D 477 18.33 25.85 38.51
CA THR D 477 17.91 25.02 39.63
C THR D 477 19.05 24.37 40.41
N HIS D 478 20.27 24.40 39.88
CA HIS D 478 21.43 23.89 40.61
C HIS D 478 22.30 25.00 41.22
N GLY D 479 21.89 26.26 41.05
CA GLY D 479 22.61 27.38 41.61
C GLY D 479 23.65 27.97 40.69
N ASN D 480 23.69 27.53 39.43
CA ASN D 480 24.66 28.02 38.46
C ASN D 480 24.16 29.06 37.44
N MET D 481 25.12 29.83 36.90
CA MET D 481 24.92 30.69 35.76
C MET D 481 25.47 29.96 34.54
N TRP D 482 25.40 30.59 33.37
CA TRP D 482 25.83 29.96 32.12
C TRP D 482 26.81 30.85 31.35
N VAL D 483 28.02 30.36 31.18
CA VAL D 483 29.07 31.12 30.51
C VAL D 483 29.85 30.24 29.57
N PRO D 484 29.38 30.12 28.33
CA PRO D 484 30.02 29.25 27.32
C PRO D 484 31.40 29.75 26.84
#